data_3UEO
#
_entry.id   3UEO
#
_cell.length_a   58.810
_cell.length_b   59.100
_cell.length_c   78.310
_cell.angle_alpha   102.050
_cell.angle_beta   98.040
_cell.angle_gamma   114.340
#
_symmetry.space_group_name_H-M   'P 1'
#
loop_
_entity.id
_entity.type
_entity.pdbx_description
1 polymer 'DNA topoisomerase 2-binding protein 1'
2 polymer phospho-peptide
3 water water
#
loop_
_entity_poly.entity_id
_entity_poly.type
_entity_poly.pdbx_seq_one_letter_code
_entity_poly.pdbx_strand_id
1 'polypeptide(L)'
;GPLGSEEGLFSQKSFLVLGFSNENESNIANIIKENAGKIMSLLSRTVADYAVVPLLGCEVEATVGEVVTNTWLVTCIDYQ
TLFDPKSNPLFTPVPVMTGMTPLEDCVISFSQCAGAEKESLTFLANLLGASVQEYFVRKSNAKKGMFASTHLILKERGGS
KYEAAKKWNLPAVTIAWLLETARTGKRADESHFLIENSTKEER
;
A,B,C,D
2 'polypeptide(L)' GFID(SEP)D(TPO)DVEEE E,F
#
# COMPACT_ATOMS: atom_id res chain seq x y z
N GLY A 8 -11.51 -11.05 -10.76
CA GLY A 8 -10.07 -10.91 -10.77
C GLY A 8 -9.48 -10.30 -12.03
N LEU A 9 -8.30 -9.67 -11.91
CA LEU A 9 -7.69 -9.03 -13.07
C LEU A 9 -7.30 -10.04 -14.14
N PHE A 10 -6.75 -11.18 -13.73
CA PHE A 10 -6.25 -12.15 -14.69
C PHE A 10 -7.22 -13.29 -14.89
N SER A 11 -8.48 -13.02 -14.52
CA SER A 11 -9.52 -14.03 -14.52
C SER A 11 -9.78 -14.48 -15.95
N GLN A 12 -10.03 -15.78 -16.12
CA GLN A 12 -10.19 -16.40 -17.44
C GLN A 12 -8.89 -16.38 -18.26
N LYS A 13 -7.75 -16.18 -17.60
CA LYS A 13 -6.45 -16.22 -18.25
C LYS A 13 -5.53 -17.29 -17.66
N SER A 14 -4.76 -17.94 -18.54
CA SER A 14 -3.85 -19.02 -18.16
C SER A 14 -2.40 -18.67 -18.48
N PHE A 15 -1.49 -19.17 -17.66
CA PHE A 15 -0.12 -18.68 -17.69
C PHE A 15 0.95 -19.78 -17.66
N LEU A 16 2.02 -19.58 -18.41
CA LEU A 16 3.23 -20.38 -18.26
C LEU A 16 4.26 -19.48 -17.66
N VAL A 17 5.04 -19.95 -16.69
CA VAL A 17 6.04 -19.09 -16.11
C VAL A 17 7.43 -19.65 -16.39
N LEU A 18 8.09 -19.07 -17.39
CA LEU A 18 9.28 -19.66 -17.94
C LEU A 18 10.46 -18.74 -17.80
N GLY A 19 11.56 -19.26 -17.29
CA GLY A 19 12.82 -18.58 -17.46
C GLY A 19 13.45 -18.14 -16.16
N PHE A 20 12.76 -18.38 -15.05
CA PHE A 20 13.17 -17.89 -13.73
C PHE A 20 13.73 -19.01 -12.86
N SER A 21 14.34 -18.67 -11.73
CA SER A 21 14.76 -19.71 -10.79
C SER A 21 13.53 -20.36 -10.14
N ASN A 22 13.74 -21.51 -9.51
CA ASN A 22 12.64 -22.17 -8.79
C ASN A 22 11.92 -21.22 -7.81
N GLU A 23 12.67 -20.57 -6.92
CA GLU A 23 12.11 -19.63 -5.95
C GLU A 23 11.42 -18.43 -6.61
N ASN A 24 12.05 -17.87 -7.64
CA ASN A 24 11.45 -16.74 -8.32
C ASN A 24 10.11 -17.08 -8.99
N GLU A 25 10.04 -18.21 -9.70
CA GLU A 25 8.80 -18.59 -10.37
C GLU A 25 7.70 -19.02 -9.39
N SER A 26 8.07 -19.62 -8.27
CA SER A 26 7.09 -19.88 -7.24
C SER A 26 6.41 -18.58 -6.82
N ASN A 27 7.20 -17.53 -6.56
CA ASN A 27 6.65 -16.22 -6.19
C ASN A 27 5.75 -15.64 -7.27
N ILE A 28 6.29 -15.56 -8.49
CA ILE A 28 5.54 -15.04 -9.61
C ILE A 28 4.23 -15.80 -9.82
N ALA A 29 4.27 -17.12 -9.81
CA ALA A 29 3.08 -17.95 -9.96
C ALA A 29 2.07 -17.59 -8.89
N ASN A 30 2.50 -17.52 -7.63
CA ASN A 30 1.58 -17.12 -6.56
C ASN A 30 0.88 -15.76 -6.79
N ILE A 31 1.64 -14.80 -7.32
CA ILE A 31 1.11 -13.47 -7.62
C ILE A 31 0.01 -13.54 -8.69
N ILE A 32 0.25 -14.33 -9.74
CA ILE A 32 -0.73 -14.55 -10.80
C ILE A 32 -1.99 -15.19 -10.24
N LYS A 33 -1.81 -16.22 -9.42
CA LYS A 33 -2.92 -16.89 -8.76
C LYS A 33 -3.70 -15.92 -7.88
N GLU A 34 -2.99 -15.07 -7.14
CA GLU A 34 -3.60 -14.09 -6.25
C GLU A 34 -4.38 -13.04 -7.01
N ASN A 35 -4.20 -13.03 -8.32
CA ASN A 35 -4.90 -12.10 -9.22
C ASN A 35 -5.84 -12.82 -10.19
N ALA A 36 -6.19 -14.04 -9.82
CA ALA A 36 -7.23 -14.85 -10.47
C ALA A 36 -6.78 -15.59 -11.73
N GLY A 37 -5.47 -15.57 -12.01
CA GLY A 37 -4.95 -16.27 -13.16
C GLY A 37 -4.69 -17.73 -12.85
N LYS A 38 -4.66 -18.56 -13.90
CA LYS A 38 -4.36 -19.97 -13.73
C LYS A 38 -2.99 -20.32 -14.30
N ILE A 39 -2.32 -21.26 -13.65
CA ILE A 39 -1.06 -21.76 -14.14
C ILE A 39 -1.20 -23.12 -14.84
N MET A 40 -0.75 -23.21 -16.08
CA MET A 40 -0.75 -24.50 -16.80
C MET A 40 0.56 -25.28 -16.65
N THR A 46 -3.35 -27.92 -23.32
CA THR A 46 -3.86 -26.82 -24.16
C THR A 46 -2.97 -25.54 -24.20
N VAL A 47 -3.42 -24.54 -24.96
CA VAL A 47 -2.69 -23.30 -25.19
C VAL A 47 -2.92 -22.28 -24.09
N ALA A 48 -1.84 -21.77 -23.51
CA ALA A 48 -1.92 -20.76 -22.47
C ALA A 48 -2.00 -19.37 -23.09
N ASP A 49 -2.76 -18.48 -22.47
CA ASP A 49 -2.86 -17.12 -22.98
C ASP A 49 -1.52 -16.40 -22.95
N TYR A 50 -0.76 -16.65 -21.88
CA TYR A 50 0.48 -15.92 -21.64
C TYR A 50 1.62 -16.82 -21.22
N ALA A 51 2.80 -16.53 -21.76
CA ALA A 51 4.05 -17.04 -21.19
C ALA A 51 4.84 -15.89 -20.57
N VAL A 52 4.96 -15.88 -19.26
CA VAL A 52 5.70 -14.83 -18.58
C VAL A 52 7.17 -15.17 -18.59
N VAL A 53 7.99 -14.27 -19.11
CA VAL A 53 9.42 -14.52 -19.27
C VAL A 53 10.20 -13.32 -18.75
N PRO A 54 11.51 -13.49 -18.49
CA PRO A 54 12.28 -12.34 -17.98
C PRO A 54 12.39 -11.27 -19.05
N LEU A 55 12.85 -10.08 -18.66
CA LEU A 55 12.83 -8.94 -19.58
C LEU A 55 13.58 -9.25 -20.87
N LEU A 56 14.73 -9.89 -20.73
CA LEU A 56 15.59 -10.19 -21.87
C LEU A 56 15.12 -11.41 -22.70
N GLY A 57 14.25 -12.23 -22.10
CA GLY A 57 13.52 -13.25 -22.83
C GLY A 57 14.13 -14.60 -22.52
N CYS A 58 13.53 -15.65 -23.07
CA CYS A 58 14.11 -16.98 -22.97
C CYS A 58 13.43 -17.88 -23.98
N GLU A 59 13.94 -19.10 -24.10
CA GLU A 59 13.37 -20.09 -25.01
C GLU A 59 11.96 -20.37 -24.54
N VAL A 60 11.00 -20.25 -25.45
CA VAL A 60 9.64 -20.69 -25.19
C VAL A 60 9.25 -21.70 -26.26
N GLU A 61 9.47 -22.99 -26.00
CA GLU A 61 9.09 -23.98 -27.00
C GLU A 61 7.58 -24.26 -27.04
N ALA A 62 6.93 -24.20 -25.88
CA ALA A 62 5.47 -24.32 -25.84
C ALA A 62 4.84 -23.25 -26.70
N THR A 63 3.62 -23.50 -27.17
CA THR A 63 2.90 -22.52 -27.98
C THR A 63 1.93 -21.74 -27.10
N VAL A 64 2.01 -20.42 -27.14
CA VAL A 64 1.16 -19.59 -26.29
C VAL A 64 0.62 -18.41 -27.09
N GLY A 65 -0.41 -17.75 -26.57
CA GLY A 65 -0.99 -16.60 -27.22
C GLY A 65 0.05 -15.53 -27.49
N GLU A 66 0.61 -14.97 -26.42
CA GLU A 66 1.75 -14.10 -26.58
C GLU A 66 2.73 -14.18 -25.41
N VAL A 67 4.00 -13.95 -25.71
CA VAL A 67 5.05 -13.96 -24.72
C VAL A 67 5.18 -12.56 -24.14
N VAL A 68 5.17 -12.45 -22.82
CA VAL A 68 5.16 -11.17 -22.13
C VAL A 68 6.18 -11.17 -21.01
N THR A 69 6.52 -10.00 -20.50
CA THR A 69 7.56 -9.93 -19.48
C THR A 69 7.01 -9.84 -18.05
N ASN A 70 7.89 -10.07 -17.09
CA ASN A 70 7.57 -9.82 -15.70
C ASN A 70 7.28 -8.33 -15.49
N THR A 71 7.84 -7.49 -16.34
CA THR A 71 7.59 -6.07 -16.26
C THR A 71 6.16 -5.78 -16.68
N TRP A 72 5.65 -6.59 -17.60
CA TRP A 72 4.25 -6.48 -17.99
C TRP A 72 3.41 -6.95 -16.83
N LEU A 73 3.72 -8.14 -16.35
CA LEU A 73 2.95 -8.74 -15.28
C LEU A 73 2.79 -7.79 -14.11
N VAL A 74 3.89 -7.21 -13.66
CA VAL A 74 3.90 -6.40 -12.46
C VAL A 74 3.22 -5.04 -12.64
N THR A 75 3.49 -4.41 -13.76
CA THR A 75 2.82 -3.18 -14.12
C THR A 75 1.33 -3.42 -14.13
N CYS A 76 0.91 -4.46 -14.84
CA CYS A 76 -0.51 -4.82 -14.96
C CYS A 76 -1.17 -4.90 -13.60
N ILE A 77 -0.49 -5.57 -12.69
CA ILE A 77 -0.97 -5.71 -11.34
C ILE A 77 -0.94 -4.40 -10.59
N ASP A 78 0.20 -3.72 -10.58
CA ASP A 78 0.32 -2.42 -9.92
C ASP A 78 -0.80 -1.42 -10.28
N TYR A 79 -1.26 -1.47 -11.52
CA TYR A 79 -2.25 -0.50 -11.99
C TYR A 79 -3.63 -1.12 -12.20
N GLN A 80 -3.77 -2.35 -11.72
CA GLN A 80 -4.97 -3.19 -11.89
C GLN A 80 -5.60 -3.04 -13.25
N THR A 81 -4.74 -2.99 -14.28
CA THR A 81 -5.16 -2.84 -15.66
C THR A 81 -4.47 -3.86 -16.55
N LEU A 82 -5.22 -4.49 -17.45
CA LEU A 82 -4.66 -5.49 -18.35
C LEU A 82 -4.17 -4.78 -19.59
N PHE A 83 -3.01 -4.15 -19.49
CA PHE A 83 -2.41 -3.41 -20.60
C PHE A 83 -2.16 -4.34 -21.74
N ASP A 84 -2.42 -3.89 -22.96
CA ASP A 84 -2.06 -4.65 -24.15
C ASP A 84 -0.55 -4.66 -24.28
N PRO A 85 0.08 -5.84 -24.16
CA PRO A 85 1.53 -6.04 -24.19
C PRO A 85 2.26 -5.25 -25.28
N LYS A 86 1.55 -4.90 -26.35
CA LYS A 86 2.16 -4.17 -27.45
C LYS A 86 2.23 -2.66 -27.17
N SER A 87 1.66 -2.23 -26.05
CA SER A 87 1.60 -0.80 -25.75
C SER A 87 2.89 -0.27 -25.12
N ASN A 88 3.86 -1.15 -24.92
CA ASN A 88 5.12 -0.75 -24.30
C ASN A 88 6.15 -1.82 -24.59
N PRO A 89 7.28 -1.40 -25.16
CA PRO A 89 8.31 -2.36 -25.59
C PRO A 89 8.89 -3.14 -24.43
N LEU A 90 8.72 -2.66 -23.21
CA LEU A 90 9.18 -3.41 -22.03
C LEU A 90 8.24 -4.57 -21.66
N PHE A 91 7.06 -4.59 -22.25
CA PHE A 91 6.09 -5.64 -21.94
C PHE A 91 6.42 -6.96 -22.64
N THR A 92 7.16 -6.90 -23.73
CA THR A 92 7.59 -8.12 -24.41
C THR A 92 9.14 -8.19 -24.45
N PRO A 93 9.72 -9.38 -24.68
CA PRO A 93 11.19 -9.45 -24.57
C PRO A 93 11.91 -8.37 -25.36
N VAL A 94 12.90 -7.80 -24.71
CA VAL A 94 13.67 -6.70 -25.27
C VAL A 94 15.01 -7.22 -25.82
N PRO A 95 15.21 -7.12 -27.14
CA PRO A 95 16.47 -7.62 -27.71
C PRO A 95 17.68 -6.77 -27.31
N VAL A 96 18.67 -7.42 -26.72
CA VAL A 96 19.91 -6.76 -26.32
C VAL A 96 21.08 -7.50 -26.95
N MET A 97 21.93 -6.80 -27.70
CA MET A 97 23.15 -7.38 -28.26
C MET A 97 24.13 -7.71 -27.14
N THR A 98 24.08 -8.97 -26.70
CA THR A 98 24.76 -9.49 -25.53
C THR A 98 26.19 -9.05 -25.27
N GLY A 99 26.47 -8.71 -24.00
CA GLY A 99 27.83 -8.48 -23.55
C GLY A 99 28.47 -7.17 -24.03
N MET A 100 27.67 -6.37 -24.72
CA MET A 100 28.09 -5.08 -25.22
C MET A 100 27.73 -4.00 -24.24
N THR A 101 28.59 -2.98 -24.14
CA THR A 101 28.41 -1.92 -23.16
C THR A 101 28.65 -0.52 -23.73
N PRO A 102 27.84 -0.12 -24.74
CA PRO A 102 28.05 1.12 -25.48
C PRO A 102 27.77 2.39 -24.66
N LEU A 103 27.23 2.24 -23.46
CA LEU A 103 26.98 3.40 -22.62
C LEU A 103 27.92 3.41 -21.41
N GLU A 104 29.19 3.09 -21.61
CA GLU A 104 30.08 2.97 -20.47
C GLU A 104 30.45 4.28 -19.76
N ASP A 105 30.42 5.43 -20.44
CA ASP A 105 30.67 6.65 -19.67
C ASP A 105 29.47 7.56 -19.46
N CYS A 106 28.27 7.00 -19.58
CA CYS A 106 27.06 7.80 -19.46
C CYS A 106 26.55 7.82 -18.02
N VAL A 107 25.97 8.97 -17.63
CA VAL A 107 25.31 9.07 -16.34
C VAL A 107 23.87 9.50 -16.56
N ILE A 108 22.98 8.54 -16.43
CA ILE A 108 21.59 8.69 -16.88
C ILE A 108 20.60 8.94 -15.74
N SER A 109 19.69 9.87 -15.95
CA SER A 109 18.55 10.08 -15.05
C SER A 109 17.28 9.85 -15.83
N PHE A 110 16.27 9.33 -15.15
CA PHE A 110 14.97 9.16 -15.78
C PHE A 110 14.05 10.21 -15.21
N SER A 111 13.12 10.66 -16.04
CA SER A 111 12.04 11.53 -15.63
C SER A 111 10.75 10.87 -16.13
N GLN A 112 9.64 11.11 -15.42
CA GLN A 112 8.33 10.72 -15.88
C GLN A 112 8.12 9.21 -15.94
N CYS A 113 8.99 8.45 -15.27
CA CYS A 113 8.91 6.98 -15.26
C CYS A 113 8.72 6.51 -13.82
N ALA A 114 7.88 5.52 -13.62
CA ALA A 114 7.57 5.09 -12.26
C ALA A 114 7.59 3.59 -12.10
N GLY A 115 8.04 3.14 -10.94
CA GLY A 115 7.89 1.75 -10.54
C GLY A 115 8.62 0.71 -11.37
N ALA A 116 7.86 -0.26 -11.88
CA ALA A 116 8.44 -1.42 -12.56
C ALA A 116 9.00 -1.02 -13.91
N GLU A 117 8.29 -0.16 -14.63
CA GLU A 117 8.84 0.42 -15.84
C GLU A 117 10.20 1.08 -15.54
N LYS A 118 10.30 1.74 -14.40
CA LYS A 118 11.53 2.42 -14.06
C LYS A 118 12.61 1.46 -13.59
N GLU A 119 12.26 0.45 -12.80
CA GLU A 119 13.21 -0.59 -12.41
C GLU A 119 13.78 -1.32 -13.64
N SER A 120 12.99 -1.39 -14.73
CA SER A 120 13.42 -2.15 -15.90
C SER A 120 14.34 -1.35 -16.79
N LEU A 121 14.03 -0.06 -16.93
CA LEU A 121 14.85 0.87 -17.69
C LEU A 121 16.18 1.03 -16.96
N THR A 122 16.11 1.06 -15.64
CA THR A 122 17.32 1.13 -14.83
C THR A 122 18.25 -0.06 -15.10
N PHE A 123 17.69 -1.26 -15.04
CA PHE A 123 18.41 -2.50 -15.33
C PHE A 123 19.10 -2.45 -16.69
N LEU A 124 18.33 -2.05 -17.71
CA LEU A 124 18.84 -1.93 -19.06
C LEU A 124 20.00 -0.96 -19.16
N ALA A 125 19.82 0.23 -18.58
CA ALA A 125 20.82 1.25 -18.64
C ALA A 125 22.10 0.75 -17.97
N ASN A 126 21.99 0.17 -16.78
CA ASN A 126 23.16 -0.39 -16.12
C ASN A 126 23.79 -1.48 -16.96
N LEU A 127 22.95 -2.34 -17.53
CA LEU A 127 23.40 -3.45 -18.34
C LEU A 127 24.26 -2.98 -19.56
N LEU A 128 23.96 -1.78 -20.06
CA LEU A 128 24.69 -1.23 -21.20
C LEU A 128 25.92 -0.48 -20.75
N GLY A 129 26.21 -0.53 -19.45
CA GLY A 129 27.38 0.11 -18.90
C GLY A 129 27.15 1.51 -18.35
N ALA A 130 25.94 2.04 -18.51
CA ALA A 130 25.62 3.35 -17.96
C ALA A 130 25.56 3.27 -16.44
N SER A 131 25.68 4.41 -15.79
CA SER A 131 25.39 4.55 -14.39
C SER A 131 24.10 5.35 -14.32
N VAL A 132 23.17 4.94 -13.47
CA VAL A 132 21.86 5.61 -13.36
C VAL A 132 21.76 6.39 -12.06
N GLN A 133 21.40 7.66 -12.16
CA GLN A 133 21.33 8.57 -11.01
C GLN A 133 19.92 9.09 -10.69
N GLU A 134 19.55 9.10 -9.41
CA GLU A 134 18.24 9.62 -9.02
C GLU A 134 18.08 11.10 -9.35
N TYR A 135 19.12 11.88 -9.01
CA TYR A 135 19.12 13.32 -9.22
C TYR A 135 19.85 13.73 -10.50
N PHE A 136 19.19 14.62 -11.25
CA PHE A 136 19.73 15.19 -12.49
C PHE A 136 20.48 16.46 -12.12
N VAL A 137 21.80 16.37 -12.09
CA VAL A 137 22.65 17.51 -11.76
C VAL A 137 23.63 17.75 -12.89
N ARG A 138 24.07 19.00 -13.04
CA ARG A 138 24.86 19.38 -14.18
C ARG A 138 26.33 19.23 -13.86
N LYS A 139 26.63 19.20 -12.56
CA LYS A 139 28.00 19.21 -12.09
C LYS A 139 28.18 18.21 -10.97
N SER A 140 29.31 17.50 -10.99
CA SER A 140 29.62 16.51 -9.98
C SER A 140 29.78 17.17 -8.62
N ASN A 141 29.45 16.42 -7.58
CA ASN A 141 29.60 16.92 -6.21
C ASN A 141 29.98 15.76 -5.29
N ALA A 142 31.27 15.65 -4.99
CA ALA A 142 31.78 14.53 -4.23
C ALA A 142 31.26 14.46 -2.79
N LYS A 143 31.07 15.61 -2.16
CA LYS A 143 30.58 15.61 -0.78
C LYS A 143 29.16 15.05 -0.76
N LYS A 144 28.37 15.42 -1.77
CA LYS A 144 26.98 14.96 -1.92
C LYS A 144 26.89 13.58 -2.55
N GLY A 145 27.99 13.10 -3.14
CA GLY A 145 28.02 11.78 -3.76
C GLY A 145 27.26 11.66 -5.08
N MET A 146 27.19 12.77 -5.81
CA MET A 146 26.47 12.79 -7.08
C MET A 146 27.38 13.14 -8.24
N PHE A 147 27.12 12.53 -9.38
CA PHE A 147 27.96 12.74 -10.56
C PHE A 147 27.24 13.61 -11.57
N ALA A 148 28.01 14.38 -12.33
CA ALA A 148 27.42 15.17 -13.38
C ALA A 148 26.60 14.24 -14.25
N SER A 149 25.44 14.71 -14.71
CA SER A 149 24.61 13.92 -15.59
C SER A 149 25.00 14.12 -17.05
N THR A 150 24.79 13.09 -17.89
CA THR A 150 25.09 13.19 -19.31
C THR A 150 23.86 13.02 -20.20
N HIS A 151 22.88 12.27 -19.72
CA HIS A 151 21.62 12.06 -20.44
C HIS A 151 20.44 12.16 -19.51
N LEU A 152 19.32 12.60 -20.06
CA LEU A 152 18.02 12.51 -19.40
C LEU A 152 17.11 11.68 -20.30
N ILE A 153 16.45 10.68 -19.72
CA ILE A 153 15.50 9.87 -20.51
C ILE A 153 14.09 10.08 -20.00
N LEU A 154 13.21 10.54 -20.88
CA LEU A 154 11.88 10.91 -20.44
C LEU A 154 10.82 10.57 -21.46
N LYS A 155 9.57 10.72 -21.05
CA LYS A 155 8.40 10.38 -21.87
C LYS A 155 7.77 11.54 -22.67
N GLU A 156 7.83 12.78 -22.16
CA GLU A 156 7.12 13.87 -22.81
C GLU A 156 7.78 15.22 -22.57
N ARG A 157 7.51 16.20 -23.44
CA ARG A 157 8.10 17.53 -23.31
C ARG A 157 7.52 18.27 -22.13
N GLY A 158 8.30 18.43 -21.07
CA GLY A 158 7.83 19.14 -19.91
C GLY A 158 8.42 18.69 -18.59
N GLY A 159 8.30 19.54 -17.58
CA GLY A 159 8.79 19.23 -16.25
C GLY A 159 10.19 19.76 -15.94
N SER A 160 10.45 19.86 -14.66
CA SER A 160 11.66 20.43 -14.10
C SER A 160 12.97 19.94 -14.75
N LYS A 161 13.12 18.62 -14.84
CA LYS A 161 14.32 18.00 -15.40
C LYS A 161 14.47 18.33 -16.87
N TYR A 162 13.38 18.24 -17.62
CA TYR A 162 13.39 18.62 -19.01
C TYR A 162 13.91 20.05 -19.17
N GLU A 163 13.39 20.99 -18.38
CA GLU A 163 13.86 22.39 -18.45
C GLU A 163 15.36 22.50 -18.13
N ALA A 164 15.80 21.77 -17.11
CA ALA A 164 17.20 21.76 -16.72
C ALA A 164 18.09 21.27 -17.86
N ALA A 165 17.69 20.18 -18.52
CA ALA A 165 18.47 19.64 -19.63
C ALA A 165 18.58 20.67 -20.75
N LYS A 166 17.47 21.35 -21.02
CA LYS A 166 17.46 22.39 -22.05
C LYS A 166 18.46 23.47 -21.68
N LYS A 167 18.40 23.89 -20.42
CA LYS A 167 19.27 24.93 -19.90
C LYS A 167 20.74 24.49 -19.90
N TRP A 168 20.99 23.23 -19.56
CA TRP A 168 22.35 22.74 -19.41
C TRP A 168 22.92 22.21 -20.73
N ASN A 169 22.08 22.19 -21.76
CA ASN A 169 22.45 21.65 -23.06
C ASN A 169 22.80 20.15 -23.03
N LEU A 170 22.06 19.38 -22.23
CA LEU A 170 22.23 17.93 -22.21
C LEU A 170 21.15 17.31 -23.06
N PRO A 171 21.45 16.17 -23.71
CA PRO A 171 20.45 15.52 -24.53
C PRO A 171 19.31 14.96 -23.69
N ALA A 172 18.09 15.23 -24.12
CA ALA A 172 16.89 14.70 -23.48
C ALA A 172 16.23 13.75 -24.46
N VAL A 173 16.27 12.45 -24.17
CA VAL A 173 15.84 11.48 -25.18
C VAL A 173 14.68 10.60 -24.76
N THR A 174 13.94 10.14 -25.77
CA THR A 174 12.86 9.20 -25.55
C THR A 174 13.46 7.87 -25.18
N ILE A 175 12.63 6.99 -24.61
CA ILE A 175 13.07 5.66 -24.21
C ILE A 175 13.58 4.85 -25.41
N ALA A 176 13.08 5.15 -26.60
CA ALA A 176 13.47 4.42 -27.80
C ALA A 176 14.98 4.52 -28.04
N TRP A 177 15.59 5.61 -27.58
CA TRP A 177 17.03 5.79 -27.71
C TRP A 177 17.71 4.67 -26.94
N LEU A 178 17.30 4.49 -25.69
CA LEU A 178 17.88 3.45 -24.85
C LEU A 178 17.72 2.07 -25.45
N LEU A 179 16.53 1.77 -25.97
CA LEU A 179 16.28 0.44 -26.53
C LEU A 179 17.00 0.24 -27.84
N GLU A 180 17.17 1.30 -28.62
CA GLU A 180 17.90 1.15 -29.87
C GLU A 180 19.38 0.94 -29.59
N THR A 181 19.86 1.52 -28.50
CA THR A 181 21.23 1.32 -28.09
C THR A 181 21.44 -0.13 -27.68
N ALA A 182 20.45 -0.71 -27.05
CA ALA A 182 20.57 -2.05 -26.51
C ALA A 182 20.52 -3.06 -27.63
N ARG A 183 19.63 -2.84 -28.58
CA ARG A 183 19.47 -3.77 -29.67
C ARG A 183 20.74 -3.88 -30.51
N THR A 184 21.37 -2.75 -30.79
CA THR A 184 22.51 -2.73 -31.72
C THR A 184 23.83 -3.07 -31.05
N GLY A 185 23.95 -2.76 -29.77
CA GLY A 185 25.24 -2.82 -29.09
C GLY A 185 25.97 -1.49 -29.23
N LYS A 186 25.39 -0.57 -29.98
CA LYS A 186 26.03 0.73 -30.24
C LYS A 186 25.20 1.93 -29.81
N ARG A 187 25.89 2.90 -29.21
CA ARG A 187 25.29 4.13 -28.71
C ARG A 187 24.57 4.88 -29.82
N ALA A 188 23.24 4.93 -29.72
CA ALA A 188 22.39 5.53 -30.75
C ALA A 188 22.64 7.03 -30.84
N ASP A 189 22.42 7.59 -32.03
CA ASP A 189 22.57 9.04 -32.23
C ASP A 189 21.52 9.75 -31.40
N GLU A 190 21.95 10.47 -30.35
CA GLU A 190 21.00 11.14 -29.47
C GLU A 190 20.14 12.11 -30.26
N SER A 191 20.67 12.60 -31.36
CA SER A 191 19.96 13.62 -32.13
C SER A 191 18.82 13.04 -32.95
N HIS A 192 18.71 11.72 -32.98
CA HIS A 192 17.62 11.10 -33.72
C HIS A 192 16.47 10.73 -32.81
N PHE A 193 16.65 11.01 -31.52
CA PHE A 193 15.72 10.58 -30.48
C PHE A 193 15.45 11.69 -29.47
N LEU A 194 15.63 12.94 -29.86
CA LEU A 194 15.39 14.08 -28.97
C LEU A 194 13.91 14.18 -28.64
N ILE A 195 13.62 14.53 -27.38
CA ILE A 195 12.25 14.64 -26.90
C ILE A 195 11.48 15.74 -27.62
N GLU A 196 12.21 16.73 -28.12
CA GLU A 196 11.65 17.84 -28.86
C GLU A 196 10.98 17.43 -30.19
N ASN A 197 11.37 16.28 -30.74
CA ASN A 197 10.87 15.86 -32.05
C ASN A 197 9.81 14.77 -31.99
N SER A 198 9.36 14.44 -30.77
CA SER A 198 8.34 13.42 -30.58
C SER A 198 6.97 14.04 -30.27
N GLY B 8 17.01 5.96 7.16
CA GLY B 8 16.64 4.75 6.44
C GLY B 8 16.76 3.45 7.23
N LEU B 9 16.00 2.43 6.82
CA LEU B 9 16.01 1.18 7.57
C LEU B 9 17.36 0.49 7.48
N PHE B 10 17.95 0.47 6.30
CA PHE B 10 19.21 -0.24 6.11
C PHE B 10 20.41 0.70 6.16
N SER B 11 20.20 1.86 6.77
CA SER B 11 21.19 2.92 6.80
C SER B 11 22.41 2.45 7.59
N GLN B 12 23.60 2.84 7.14
CA GLN B 12 24.85 2.36 7.72
C GLN B 12 25.10 0.86 7.53
N LYS B 13 24.38 0.26 6.58
CA LYS B 13 24.56 -1.16 6.25
C LYS B 13 24.95 -1.34 4.78
N SER B 14 25.85 -2.31 4.55
CA SER B 14 26.36 -2.62 3.22
C SER B 14 26.00 -4.04 2.80
N PHE B 15 25.79 -4.25 1.50
CA PHE B 15 25.19 -5.48 1.01
C PHE B 15 25.89 -6.11 -0.22
N LEU B 16 26.01 -7.43 -0.21
CA LEU B 16 26.35 -8.18 -1.42
C LEU B 16 25.08 -8.86 -1.88
N VAL B 17 24.84 -8.93 -3.18
CA VAL B 17 23.63 -9.58 -3.63
C VAL B 17 24.00 -10.73 -4.53
N LEU B 18 24.00 -11.92 -3.96
CA LEU B 18 24.58 -13.07 -4.61
C LEU B 18 23.56 -14.14 -4.86
N GLY B 19 23.55 -14.66 -6.08
CA GLY B 19 22.87 -15.92 -6.34
C GLY B 19 21.67 -15.81 -7.24
N PHE B 20 21.35 -14.58 -7.66
CA PHE B 20 20.13 -14.30 -8.45
C PHE B 20 20.49 -14.04 -9.92
N SER B 21 19.50 -14.04 -10.80
CA SER B 21 19.74 -13.61 -12.18
C SER B 21 20.11 -12.13 -12.25
N ASN B 22 20.67 -11.70 -13.37
CA ASN B 22 20.96 -10.28 -13.56
C ASN B 22 19.77 -9.36 -13.28
N GLU B 23 18.63 -9.64 -13.90
CA GLU B 23 17.42 -8.84 -13.67
C GLU B 23 16.92 -8.89 -12.24
N ASN B 24 16.91 -10.08 -11.65
CA ASN B 24 16.49 -10.21 -10.26
C ASN B 24 17.37 -9.40 -9.29
N GLU B 25 18.69 -9.51 -9.41
CA GLU B 25 19.58 -8.77 -8.51
C GLU B 25 19.57 -7.25 -8.73
N SER B 26 19.36 -6.80 -9.97
CA SER B 26 19.13 -5.39 -10.20
C SER B 26 17.95 -4.92 -9.38
N ASN B 27 16.84 -5.66 -9.41
CA ASN B 27 15.65 -5.28 -8.65
C ASN B 27 15.95 -5.26 -7.15
N ILE B 28 16.49 -6.36 -6.66
CA ILE B 28 16.81 -6.48 -5.24
C ILE B 28 17.73 -5.36 -4.78
N ALA B 29 18.79 -5.10 -5.55
CA ALA B 29 19.74 -4.04 -5.23
C ALA B 29 19.05 -2.70 -5.13
N ASN B 30 18.20 -2.38 -6.11
CA ASN B 30 17.43 -1.13 -6.06
C ASN B 30 16.58 -0.99 -4.79
N ILE B 31 15.96 -2.08 -4.37
CA ILE B 31 15.14 -2.10 -3.15
C ILE B 31 15.97 -1.77 -1.91
N ILE B 32 17.16 -2.37 -1.83
CA ILE B 32 18.09 -2.11 -0.72
C ILE B 32 18.50 -0.65 -0.70
N LYS B 33 18.87 -0.13 -1.87
CA LYS B 33 19.21 1.28 -2.04
C LYS B 33 18.06 2.18 -1.63
N GLU B 34 16.83 1.79 -2.01
CA GLU B 34 15.64 2.59 -1.71
C GLU B 34 15.35 2.59 -0.24
N ASN B 35 16.06 1.74 0.50
CA ASN B 35 15.88 1.64 1.95
C ASN B 35 17.16 2.04 2.72
N ALA B 36 18.01 2.78 2.01
CA ALA B 36 19.21 3.43 2.54
C ALA B 36 20.43 2.52 2.67
N GLY B 37 20.35 1.33 2.11
CA GLY B 37 21.48 0.41 2.15
C GLY B 37 22.49 0.65 1.04
N LYS B 38 23.73 0.22 1.26
CA LYS B 38 24.75 0.37 0.23
C LYS B 38 25.14 -0.95 -0.40
N ILE B 39 25.42 -0.95 -1.69
CA ILE B 39 25.87 -2.15 -2.35
C ILE B 39 27.40 -2.12 -2.58
N MET B 40 28.10 -3.15 -2.10
CA MET B 40 29.53 -3.27 -2.35
C MET B 40 29.86 -4.09 -3.60
N THR B 46 36.37 -3.99 1.34
CA THR B 46 36.04 -4.28 2.74
C THR B 46 34.89 -5.29 2.96
N VAL B 47 34.59 -5.55 4.23
CA VAL B 47 33.57 -6.52 4.64
C VAL B 47 32.15 -5.95 4.65
N ALA B 48 31.23 -6.63 3.95
CA ALA B 48 29.84 -6.19 3.90
C ALA B 48 29.07 -6.76 5.07
N ASP B 49 28.13 -5.99 5.59
CA ASP B 49 27.32 -6.48 6.71
C ASP B 49 26.50 -7.70 6.34
N TYR B 50 25.97 -7.69 5.12
CA TYR B 50 25.05 -8.70 4.67
C TYR B 50 25.37 -9.21 3.27
N ALA B 51 25.20 -10.51 3.09
CA ALA B 51 25.12 -11.11 1.77
C ALA B 51 23.72 -11.68 1.55
N VAL B 52 22.95 -11.07 0.67
CA VAL B 52 21.60 -11.51 0.43
C VAL B 52 21.65 -12.63 -0.57
N VAL B 53 21.07 -13.78 -0.22
CA VAL B 53 21.13 -14.97 -1.06
C VAL B 53 19.73 -15.55 -1.17
N PRO B 54 19.50 -16.46 -2.15
CA PRO B 54 18.15 -17.03 -2.30
C PRO B 54 17.85 -17.91 -1.12
N LEU B 55 16.60 -18.34 -0.97
CA LEU B 55 16.19 -19.06 0.25
C LEU B 55 17.01 -20.31 0.48
N LEU B 56 17.25 -21.06 -0.59
CA LEU B 56 18.02 -22.30 -0.52
C LEU B 56 19.54 -22.09 -0.37
N GLY B 57 20.01 -20.89 -0.69
CA GLY B 57 21.37 -20.49 -0.42
C GLY B 57 22.20 -20.58 -1.69
N CYS B 58 23.46 -20.13 -1.59
CA CYS B 58 24.40 -20.26 -2.68
C CYS B 58 25.81 -20.06 -2.17
N GLU B 59 26.80 -20.33 -3.04
CA GLU B 59 28.19 -20.14 -2.69
C GLU B 59 28.42 -18.69 -2.35
N VAL B 60 28.98 -18.43 -1.18
CA VAL B 60 29.41 -17.08 -0.81
C VAL B 60 30.89 -17.13 -0.47
N GLU B 61 31.76 -16.88 -1.46
CA GLU B 61 33.18 -16.92 -1.16
C GLU B 61 33.68 -15.66 -0.44
N ALA B 62 33.08 -14.51 -0.78
CA ALA B 62 33.39 -13.29 -0.05
C ALA B 62 33.12 -13.48 1.43
N THR B 63 33.79 -12.69 2.26
CA THR B 63 33.57 -12.74 3.71
C THR B 63 32.61 -11.63 4.12
N VAL B 64 31.52 -11.99 4.80
CA VAL B 64 30.51 -11.02 5.19
C VAL B 64 30.09 -11.26 6.64
N GLY B 65 29.44 -10.26 7.24
CA GLY B 65 28.93 -10.40 8.60
C GLY B 65 28.05 -11.63 8.76
N GLU B 66 26.90 -11.62 8.12
CA GLU B 66 26.10 -12.83 8.04
C GLU B 66 25.36 -12.96 6.71
N VAL B 67 25.13 -14.20 6.33
CA VAL B 67 24.41 -14.52 5.10
C VAL B 67 22.93 -14.61 5.42
N VAL B 68 22.12 -13.89 4.66
CA VAL B 68 20.68 -13.75 4.93
C VAL B 68 19.90 -13.96 3.65
N THR B 69 18.60 -14.25 3.78
CA THR B 69 17.79 -14.55 2.61
C THR B 69 17.03 -13.35 2.07
N ASN B 70 16.53 -13.48 0.85
CA ASN B 70 15.61 -12.51 0.29
C ASN B 70 14.35 -12.44 1.13
N THR B 71 14.02 -13.55 1.79
CA THR B 71 12.86 -13.61 2.67
C THR B 71 13.11 -12.72 3.90
N TRP B 72 14.36 -12.65 4.33
CA TRP B 72 14.72 -11.75 5.41
C TRP B 72 14.60 -10.34 4.89
N LEU B 73 15.28 -10.06 3.79
CA LEU B 73 15.26 -8.73 3.20
C LEU B 73 13.84 -8.16 3.10
N VAL B 74 12.95 -8.91 2.48
CA VAL B 74 11.61 -8.44 2.17
C VAL B 74 10.72 -8.29 3.39
N THR B 75 10.80 -9.26 4.29
CA THR B 75 10.11 -9.17 5.55
C THR B 75 10.55 -7.90 6.27
N CYS B 76 11.86 -7.72 6.38
CA CYS B 76 12.45 -6.55 7.07
C CYS B 76 11.86 -5.27 6.53
N ILE B 77 11.80 -5.19 5.22
CA ILE B 77 11.25 -4.05 4.56
C ILE B 77 9.75 -3.92 4.79
N ASP B 78 9.00 -4.99 4.53
CA ASP B 78 7.57 -5.00 4.74
C ASP B 78 7.13 -4.51 6.13
N TYR B 79 7.96 -4.78 7.14
CA TYR B 79 7.58 -4.46 8.51
C TYR B 79 8.41 -3.31 9.08
N GLN B 80 9.17 -2.66 8.19
CA GLN B 80 10.14 -1.60 8.52
C GLN B 80 10.89 -1.87 9.81
N THR B 81 11.27 -3.14 10.00
CA THR B 81 12.00 -3.59 11.18
C THR B 81 13.22 -4.43 10.80
N LEU B 82 14.35 -4.17 11.45
CA LEU B 82 15.57 -4.90 11.16
C LEU B 82 15.61 -6.12 12.05
N PHE B 83 14.86 -7.15 11.67
CA PHE B 83 14.78 -8.38 12.44
C PHE B 83 16.14 -9.02 12.51
N ASP B 84 16.47 -9.61 13.65
CA ASP B 84 17.71 -10.36 13.77
C ASP B 84 17.53 -11.66 13.00
N PRO B 85 18.31 -11.85 11.93
CA PRO B 85 18.26 -13.01 11.03
C PRO B 85 18.12 -14.36 11.74
N LYS B 86 18.56 -14.44 12.99
CA LYS B 86 18.46 -15.69 13.75
C LYS B 86 17.07 -15.89 14.36
N SER B 87 16.17 -14.92 14.19
CA SER B 87 14.86 -14.99 14.82
C SER B 87 13.86 -15.80 13.99
N ASN B 88 14.30 -16.29 12.84
CA ASN B 88 13.43 -17.06 11.96
C ASN B 88 14.28 -17.85 11.00
N PRO B 89 14.09 -19.17 10.96
CA PRO B 89 14.93 -20.03 10.14
C PRO B 89 14.84 -19.70 8.66
N LEU B 90 13.77 -19.02 8.25
CA LEU B 90 13.66 -18.59 6.84
C LEU B 90 14.56 -17.40 6.50
N PHE B 91 15.11 -16.75 7.51
CA PHE B 91 15.94 -15.56 7.30
C PHE B 91 17.37 -15.91 6.85
N THR B 92 17.80 -17.13 7.14
CA THR B 92 19.08 -17.61 6.66
C THR B 92 18.90 -18.88 5.80
N PRO B 93 19.89 -19.23 4.96
CA PRO B 93 19.66 -20.33 4.03
C PRO B 93 19.10 -21.55 4.70
N VAL B 94 18.13 -22.15 4.04
CA VAL B 94 17.42 -23.31 4.56
C VAL B 94 17.91 -24.59 3.87
N PRO B 95 18.52 -25.51 4.64
CA PRO B 95 19.05 -26.72 4.03
C PRO B 95 17.94 -27.66 3.57
N VAL B 96 17.98 -28.03 2.29
CA VAL B 96 17.02 -28.95 1.71
C VAL B 96 17.79 -30.09 1.05
N MET B 97 17.53 -31.33 1.44
CA MET B 97 18.11 -32.50 0.77
C MET B 97 17.58 -32.63 -0.64
N THR B 98 18.33 -32.06 -1.56
CA THR B 98 17.99 -31.89 -2.97
C THR B 98 17.21 -33.00 -3.66
N GLY B 99 16.20 -32.62 -4.43
CA GLY B 99 15.55 -33.53 -5.37
C GLY B 99 14.66 -34.57 -4.72
N MET B 100 14.53 -34.46 -3.41
CA MET B 100 13.68 -35.36 -2.64
C MET B 100 12.31 -34.75 -2.46
N THR B 101 11.30 -35.60 -2.45
CA THR B 101 9.91 -35.17 -2.40
C THR B 101 9.06 -35.96 -1.40
N PRO B 102 9.42 -35.92 -0.10
CA PRO B 102 8.78 -36.75 0.93
C PRO B 102 7.34 -36.35 1.25
N LEU B 103 6.87 -35.23 0.71
CA LEU B 103 5.51 -34.80 0.97
C LEU B 103 4.68 -34.91 -0.30
N GLU B 104 4.85 -35.99 -1.07
CA GLU B 104 4.16 -36.06 -2.35
C GLU B 104 2.62 -36.24 -2.30
N ASP B 105 2.07 -36.84 -1.25
CA ASP B 105 0.61 -36.86 -1.20
C ASP B 105 -0.04 -35.97 -0.15
N CYS B 106 0.68 -34.96 0.31
CA CYS B 106 0.16 -34.06 1.32
C CYS B 106 -0.57 -32.88 0.71
N VAL B 107 -1.63 -32.45 1.40
CA VAL B 107 -2.34 -31.22 1.04
C VAL B 107 -2.32 -30.25 2.22
N ILE B 108 -1.45 -29.25 2.13
CA ILE B 108 -1.10 -28.40 3.26
C ILE B 108 -1.76 -27.02 3.21
N SER B 109 -2.27 -26.58 4.36
CA SER B 109 -2.76 -25.23 4.54
C SER B 109 -1.93 -24.58 5.64
N PHE B 110 -1.71 -23.28 5.50
CA PHE B 110 -1.02 -22.53 6.52
C PHE B 110 -2.04 -21.70 7.26
N SER B 111 -1.78 -21.48 8.54
CA SER B 111 -2.54 -20.55 9.34
C SER B 111 -1.51 -19.63 10.00
N GLN B 112 -1.93 -18.41 10.34
CA GLN B 112 -1.13 -17.48 11.14
C GLN B 112 0.16 -17.03 10.46
N CYS B 113 0.28 -17.27 9.15
CA CYS B 113 1.48 -16.87 8.38
C CYS B 113 1.07 -15.82 7.36
N ALA B 114 1.92 -14.82 7.16
CA ALA B 114 1.55 -13.75 6.24
C ALA B 114 2.68 -13.37 5.28
N GLY B 115 2.31 -13.00 4.06
CA GLY B 115 3.23 -12.37 3.15
C GLY B 115 4.43 -13.19 2.70
N ALA B 116 5.63 -12.65 2.94
CA ALA B 116 6.87 -13.22 2.42
C ALA B 116 7.20 -14.52 3.15
N GLU B 117 7.03 -14.53 4.47
CA GLU B 117 7.14 -15.77 5.23
C GLU B 117 6.21 -16.83 4.64
N LYS B 118 5.02 -16.43 4.24
CA LYS B 118 4.07 -17.40 3.69
C LYS B 118 4.43 -17.81 2.27
N GLU B 119 4.86 -16.87 1.44
CA GLU B 119 5.33 -17.21 0.10
C GLU B 119 6.52 -18.18 0.15
N SER B 120 7.33 -18.12 1.21
CA SER B 120 8.53 -18.96 1.32
C SER B 120 8.21 -20.35 1.81
N LEU B 121 7.29 -20.44 2.76
CA LEU B 121 6.83 -21.73 3.27
C LEU B 121 6.08 -22.44 2.16
N THR B 122 5.34 -21.68 1.37
CA THR B 122 4.61 -22.24 0.24
C THR B 122 5.56 -22.91 -0.74
N PHE B 123 6.59 -22.17 -1.12
CA PHE B 123 7.64 -22.64 -2.01
C PHE B 123 8.26 -23.96 -1.52
N LEU B 124 8.64 -23.96 -0.24
CA LEU B 124 9.21 -25.15 0.41
C LEU B 124 8.27 -26.32 0.30
N ALA B 125 7.02 -26.09 0.69
CA ALA B 125 6.06 -27.15 0.74
C ALA B 125 5.86 -27.74 -0.66
N ASN B 126 5.69 -26.89 -1.67
CA ASN B 126 5.59 -27.39 -3.04
C ASN B 126 6.86 -28.13 -3.46
N LEU B 127 8.00 -27.56 -3.08
CA LEU B 127 9.29 -28.14 -3.44
C LEU B 127 9.43 -29.59 -2.90
N LEU B 128 8.79 -29.86 -1.76
CA LEU B 128 8.85 -31.19 -1.15
C LEU B 128 7.79 -32.13 -1.73
N GLY B 129 7.08 -31.65 -2.75
CA GLY B 129 6.04 -32.42 -3.38
C GLY B 129 4.63 -32.22 -2.82
N ALA B 130 4.49 -31.43 -1.76
CA ALA B 130 3.17 -31.15 -1.23
C ALA B 130 2.41 -30.28 -2.19
N SER B 131 1.10 -30.24 -2.03
CA SER B 131 0.24 -29.27 -2.68
C SER B 131 -0.24 -28.34 -1.57
N VAL B 132 -0.27 -27.05 -1.81
CA VAL B 132 -0.62 -26.07 -0.78
C VAL B 132 -1.96 -25.44 -1.12
N GLN B 133 -2.89 -25.45 -0.16
CA GLN B 133 -4.25 -24.96 -0.35
C GLN B 133 -4.58 -23.74 0.52
N GLU B 134 -5.26 -22.76 -0.07
CA GLU B 134 -5.69 -21.60 0.70
C GLU B 134 -6.68 -21.97 1.80
N TYR B 135 -7.67 -22.79 1.42
CA TYR B 135 -8.74 -23.19 2.34
C TYR B 135 -8.49 -24.56 2.97
N PHE B 136 -8.69 -24.61 4.29
CA PHE B 136 -8.55 -25.83 5.07
C PHE B 136 -9.90 -26.52 5.10
N VAL B 137 -10.05 -27.56 4.28
CA VAL B 137 -11.31 -28.31 4.22
C VAL B 137 -11.04 -29.78 4.53
N ARG B 138 -12.04 -30.46 5.08
CA ARG B 138 -11.84 -31.82 5.54
C ARG B 138 -12.16 -32.81 4.44
N LYS B 139 -12.88 -32.34 3.43
CA LYS B 139 -13.39 -33.20 2.38
C LYS B 139 -13.24 -32.52 1.04
N SER B 140 -12.80 -33.29 0.05
CA SER B 140 -12.63 -32.77 -1.30
C SER B 140 -13.95 -32.33 -1.90
N ASN B 141 -13.88 -31.34 -2.78
CA ASN B 141 -15.07 -30.82 -3.45
C ASN B 141 -14.72 -30.39 -4.87
N ALA B 142 -14.99 -31.26 -5.82
CA ALA B 142 -14.60 -31.04 -7.20
C ALA B 142 -15.26 -29.81 -7.84
N LYS B 143 -16.51 -29.55 -7.50
CA LYS B 143 -17.20 -28.41 -8.10
C LYS B 143 -16.51 -27.12 -7.62
N LYS B 144 -16.11 -27.10 -6.34
CA LYS B 144 -15.44 -25.95 -5.73
C LYS B 144 -13.95 -25.93 -6.03
N GLY B 145 -13.42 -27.04 -6.54
CA GLY B 145 -12.00 -27.12 -6.88
C GLY B 145 -11.06 -27.19 -5.69
N MET B 146 -11.52 -27.77 -4.60
CA MET B 146 -10.72 -27.88 -3.39
C MET B 146 -10.51 -29.33 -2.98
N PHE B 147 -9.33 -29.62 -2.44
CA PHE B 147 -8.98 -30.98 -2.07
C PHE B 147 -9.01 -31.11 -0.56
N ALA B 148 -9.35 -32.30 -0.09
CA ALA B 148 -9.28 -32.56 1.33
C ALA B 148 -7.89 -32.15 1.81
N SER B 149 -7.83 -31.57 2.99
CA SER B 149 -6.54 -31.21 3.58
C SER B 149 -5.96 -32.37 4.39
N THR B 150 -4.63 -32.43 4.51
CA THR B 150 -3.99 -33.49 5.29
C THR B 150 -3.14 -32.94 6.42
N HIS B 151 -2.62 -31.74 6.25
CA HIS B 151 -1.85 -31.08 7.31
C HIS B 151 -2.27 -29.64 7.45
N LEU B 152 -2.13 -29.11 8.65
CA LEU B 152 -2.21 -27.66 8.90
C LEU B 152 -0.90 -27.23 9.52
N ILE B 153 -0.29 -26.17 8.98
CA ILE B 153 0.95 -25.67 9.56
C ILE B 153 0.73 -24.31 10.14
N LEU B 154 0.99 -24.16 11.43
CA LEU B 154 0.67 -22.91 12.11
C LEU B 154 1.69 -22.52 13.16
N LYS B 155 1.53 -21.31 13.69
CA LYS B 155 2.47 -20.75 14.66
C LYS B 155 2.07 -20.91 16.15
N GLU B 156 0.78 -20.94 16.46
CA GLU B 156 0.36 -20.95 17.85
C GLU B 156 -0.98 -21.66 18.06
N ARG B 157 -1.24 -22.12 19.28
CA ARG B 157 -2.50 -22.79 19.62
C ARG B 157 -3.68 -21.83 19.61
N GLY B 158 -4.54 -21.96 18.62
CA GLY B 158 -5.70 -21.08 18.54
C GLY B 158 -6.13 -20.72 17.12
N GLY B 159 -7.36 -20.26 17.01
CA GLY B 159 -7.91 -19.87 15.72
C GLY B 159 -8.76 -20.95 15.05
N SER B 160 -9.61 -20.48 14.14
CA SER B 160 -10.59 -21.28 13.43
C SER B 160 -10.03 -22.59 12.85
N LYS B 161 -8.93 -22.48 12.09
CA LYS B 161 -8.32 -23.63 11.44
C LYS B 161 -7.80 -24.63 12.46
N TYR B 162 -7.16 -24.12 13.50
CA TYR B 162 -6.66 -24.96 14.57
C TYR B 162 -7.80 -25.78 15.15
N GLU B 163 -8.94 -25.13 15.46
CA GLU B 163 -10.10 -25.84 16.01
C GLU B 163 -10.59 -26.89 15.03
N ALA B 164 -10.64 -26.53 13.75
CA ALA B 164 -11.10 -27.44 12.71
C ALA B 164 -10.22 -28.69 12.68
N ALA B 165 -8.90 -28.51 12.71
CA ALA B 165 -7.97 -29.63 12.69
C ALA B 165 -8.21 -30.56 13.87
N LYS B 166 -8.42 -29.96 15.03
CA LYS B 166 -8.69 -30.72 16.25
C LYS B 166 -9.94 -31.55 16.05
N LYS B 167 -10.98 -30.90 15.53
CA LYS B 167 -12.26 -31.55 15.27
C LYS B 167 -12.15 -32.65 14.22
N TRP B 168 -11.35 -32.41 13.19
CA TRP B 168 -11.27 -33.33 12.06
C TRP B 168 -10.20 -34.39 12.28
N ASN B 169 -9.45 -34.25 13.37
CA ASN B 169 -8.35 -35.16 13.69
C ASN B 169 -7.20 -35.12 12.67
N LEU B 170 -6.90 -33.93 12.16
CA LEU B 170 -5.76 -33.75 11.26
C LEU B 170 -4.59 -33.20 12.06
N PRO B 171 -3.37 -33.58 11.67
CA PRO B 171 -2.19 -33.05 12.38
C PRO B 171 -2.03 -31.56 12.19
N ALA B 172 -1.78 -30.86 13.29
CA ALA B 172 -1.53 -29.43 13.27
C ALA B 172 -0.11 -29.23 13.75
N VAL B 173 0.78 -28.85 12.85
CA VAL B 173 2.20 -28.82 13.18
C VAL B 173 2.85 -27.46 13.09
N THR B 174 3.92 -27.32 13.86
CA THR B 174 4.75 -26.13 13.83
C THR B 174 5.54 -26.15 12.54
N ILE B 175 6.06 -24.99 12.16
CA ILE B 175 6.86 -24.84 10.95
C ILE B 175 8.09 -25.74 10.98
N ALA B 176 8.59 -26.02 12.18
CA ALA B 176 9.78 -26.86 12.33
C ALA B 176 9.59 -28.22 11.68
N TRP B 177 8.34 -28.69 11.62
CA TRP B 177 8.05 -29.97 10.99
C TRP B 177 8.43 -29.89 9.54
N LEU B 178 7.92 -28.86 8.86
CA LEU B 178 8.19 -28.63 7.46
C LEU B 178 9.70 -28.53 7.15
N LEU B 179 10.43 -27.80 8.00
CA LEU B 179 11.86 -27.61 7.77
C LEU B 179 12.66 -28.86 8.11
N GLU B 180 12.17 -29.66 9.05
CA GLU B 180 12.88 -30.89 9.35
C GLU B 180 12.66 -31.89 8.24
N THR B 181 11.50 -31.80 7.60
CA THR B 181 11.19 -32.66 6.48
C THR B 181 12.11 -32.32 5.32
N ALA B 182 12.38 -31.03 5.17
CA ALA B 182 13.18 -30.55 4.04
C ALA B 182 14.64 -30.90 4.20
N ARG B 183 15.15 -30.71 5.41
CA ARG B 183 16.53 -31.02 5.69
C ARG B 183 16.85 -32.48 5.42
N THR B 184 16.00 -33.39 5.86
CA THR B 184 16.32 -34.82 5.83
C THR B 184 16.00 -35.48 4.49
N GLY B 185 15.02 -34.94 3.77
CA GLY B 185 14.47 -35.62 2.61
C GLY B 185 13.34 -36.57 3.01
N LYS B 186 13.10 -36.69 4.32
CA LYS B 186 12.10 -37.62 4.81
C LYS B 186 11.00 -36.95 5.66
N ARG B 187 9.77 -37.40 5.42
CA ARG B 187 8.59 -36.88 6.11
C ARG B 187 8.72 -37.04 7.62
N ALA B 188 8.86 -35.93 8.33
CA ALA B 188 9.08 -35.95 9.77
C ALA B 188 7.86 -36.49 10.50
N ASP B 189 8.09 -37.09 11.68
CA ASP B 189 7.01 -37.62 12.50
C ASP B 189 6.14 -36.46 12.95
N GLU B 190 4.91 -36.39 12.44
CA GLU B 190 4.03 -35.28 12.79
C GLU B 190 3.85 -35.21 14.29
N SER B 191 3.94 -36.34 14.97
CA SER B 191 3.65 -36.39 16.40
C SER B 191 4.78 -35.80 17.25
N HIS B 192 5.89 -35.45 16.61
CA HIS B 192 7.00 -34.83 17.35
C HIS B 192 6.97 -33.31 17.21
N PHE B 193 5.99 -32.82 16.47
CA PHE B 193 5.91 -31.41 16.10
C PHE B 193 4.50 -30.88 16.21
N LEU B 194 3.67 -31.50 17.06
CA LEU B 194 2.29 -31.06 17.22
C LEU B 194 2.25 -29.71 17.91
N ILE B 195 1.31 -28.87 17.48
CA ILE B 195 1.20 -27.50 17.98
C ILE B 195 0.83 -27.50 19.46
N GLU B 196 0.20 -28.59 19.90
CA GLU B 196 -0.21 -28.75 21.28
C GLU B 196 0.96 -28.85 22.26
N ASN B 197 2.14 -29.22 21.77
CA ASN B 197 3.29 -29.43 22.63
C ASN B 197 4.32 -28.30 22.59
N SER B 198 3.99 -27.21 21.90
CA SER B 198 4.87 -26.07 21.80
C SER B 198 4.42 -24.91 22.71
N GLY C 8 -11.80 28.93 -37.87
CA GLY C 8 -11.56 29.00 -36.44
C GLY C 8 -12.22 27.86 -35.68
N LEU C 9 -11.96 27.78 -34.37
CA LEU C 9 -12.53 26.72 -33.53
C LEU C 9 -13.97 26.99 -33.13
N PHE C 10 -14.26 28.23 -32.76
CA PHE C 10 -15.62 28.62 -32.38
C PHE C 10 -16.37 29.20 -33.56
N SER C 11 -15.97 28.77 -34.77
CA SER C 11 -16.61 29.16 -36.01
C SER C 11 -18.12 28.96 -35.94
N GLN C 12 -18.86 30.01 -36.31
CA GLN C 12 -20.32 30.04 -36.25
C GLN C 12 -20.88 29.55 -34.90
N LYS C 13 -20.34 30.12 -33.83
CA LYS C 13 -20.83 29.88 -32.48
C LYS C 13 -21.08 31.19 -31.76
N SER C 14 -22.30 31.37 -31.27
CA SER C 14 -22.66 32.58 -30.54
C SER C 14 -22.58 32.32 -29.04
N PHE C 15 -22.11 33.31 -28.29
CA PHE C 15 -21.88 33.16 -26.86
C PHE C 15 -22.55 34.26 -26.05
N LEU C 16 -22.77 33.98 -24.76
CA LEU C 16 -23.23 34.99 -23.81
C LEU C 16 -22.47 34.86 -22.51
N VAL C 17 -21.69 35.88 -22.17
CA VAL C 17 -20.93 35.87 -20.94
C VAL C 17 -21.77 36.46 -19.79
N LEU C 18 -21.83 35.72 -18.67
CA LEU C 18 -22.65 36.13 -17.54
C LEU C 18 -21.90 35.91 -16.22
N GLY C 19 -22.18 36.76 -15.24
CA GLY C 19 -21.74 36.54 -13.88
C GLY C 19 -20.31 36.89 -13.53
N PHE C 20 -19.56 37.45 -14.48
CA PHE C 20 -18.18 37.84 -14.20
C PHE C 20 -18.01 39.32 -13.82
N SER C 21 -16.81 39.66 -13.35
CA SER C 21 -16.54 41.04 -12.92
C SER C 21 -16.57 41.97 -14.12
N ASN C 22 -16.32 43.25 -13.87
CA ASN C 22 -16.32 44.23 -14.94
C ASN C 22 -15.24 43.91 -15.97
N GLU C 23 -14.05 43.55 -15.48
CA GLU C 23 -12.95 43.21 -16.36
C GLU C 23 -13.06 41.77 -16.86
N ASN C 24 -13.28 40.84 -15.94
CA ASN C 24 -13.36 39.40 -16.26
C ASN C 24 -14.29 39.05 -17.41
N GLU C 25 -15.41 39.76 -17.50
CA GLU C 25 -16.31 39.61 -18.63
C GLU C 25 -15.52 39.85 -19.91
N SER C 26 -14.77 40.94 -19.95
CA SER C 26 -14.05 41.35 -21.15
C SER C 26 -12.96 40.37 -21.59
N ASN C 27 -12.21 39.83 -20.65
CA ASN C 27 -11.14 38.87 -20.97
C ASN C 27 -11.70 37.62 -21.63
N ILE C 28 -12.84 37.15 -21.13
CA ILE C 28 -13.49 35.98 -21.69
C ILE C 28 -14.03 36.29 -23.07
N ALA C 29 -14.72 37.42 -23.20
CA ALA C 29 -15.30 37.84 -24.48
C ALA C 29 -14.20 37.93 -25.53
N ASN C 30 -13.04 38.42 -25.09
CA ASN C 30 -11.88 38.54 -25.97
C ASN C 30 -11.40 37.18 -26.47
N ILE C 31 -11.17 36.27 -25.54
CA ILE C 31 -10.62 34.97 -25.88
C ILE C 31 -11.59 34.15 -26.76
N ILE C 32 -12.88 34.50 -26.71
CA ILE C 32 -13.87 33.83 -27.54
C ILE C 32 -13.80 34.29 -29.00
N LYS C 33 -13.74 35.60 -29.18
CA LYS C 33 -13.56 36.18 -30.52
C LYS C 33 -12.22 35.74 -31.07
N GLU C 34 -11.18 35.80 -30.23
CA GLU C 34 -9.83 35.39 -30.61
C GLU C 34 -9.77 33.96 -31.14
N ASN C 35 -10.83 33.18 -30.91
CA ASN C 35 -10.96 31.85 -31.48
C ASN C 35 -12.23 31.69 -32.33
N ALA C 36 -12.74 32.83 -32.80
CA ALA C 36 -13.78 32.91 -33.83
C ALA C 36 -15.25 32.74 -33.39
N GLY C 37 -15.55 33.06 -32.14
CA GLY C 37 -16.94 33.02 -31.68
C GLY C 37 -17.60 34.39 -31.69
N LYS C 38 -18.93 34.43 -31.56
CA LYS C 38 -19.66 35.71 -31.54
C LYS C 38 -20.34 35.99 -30.20
N ILE C 39 -20.39 37.26 -29.81
CA ILE C 39 -20.97 37.68 -28.53
C ILE C 39 -22.31 38.39 -28.74
N MET C 40 -23.20 38.34 -27.75
CA MET C 40 -24.53 38.94 -27.88
C MET C 40 -24.95 39.75 -26.66
N VAL C 47 -30.97 33.62 -29.98
CA VAL C 47 -30.65 32.60 -28.98
C VAL C 47 -29.23 32.06 -29.15
N ALA C 48 -28.44 32.15 -28.07
CA ALA C 48 -27.03 31.82 -28.11
C ALA C 48 -26.72 30.33 -27.99
N ASP C 49 -25.72 29.87 -28.73
CA ASP C 49 -25.30 28.48 -28.71
C ASP C 49 -24.77 28.07 -27.33
N TYR C 50 -24.12 29.00 -26.65
CA TYR C 50 -23.58 28.75 -25.31
C TYR C 50 -23.80 29.93 -24.36
N ALA C 51 -23.77 29.65 -23.07
CA ALA C 51 -23.78 30.70 -22.06
C ALA C 51 -22.66 30.44 -21.06
N VAL C 52 -21.59 31.23 -21.13
CA VAL C 52 -20.44 31.06 -20.26
C VAL C 52 -20.66 31.73 -18.91
N VAL C 53 -20.52 30.96 -17.84
CA VAL C 53 -20.79 31.44 -16.48
C VAL C 53 -19.64 31.02 -15.55
N PRO C 54 -19.58 31.59 -14.33
CA PRO C 54 -18.52 31.17 -13.39
C PRO C 54 -18.58 29.69 -13.05
N LEU C 55 -17.51 29.17 -12.47
CA LEU C 55 -17.44 27.78 -12.08
C LEU C 55 -18.64 27.39 -11.20
N LEU C 56 -19.10 28.33 -10.38
CA LEU C 56 -20.18 28.01 -9.49
C LEU C 56 -21.54 28.37 -10.08
N GLY C 57 -21.54 28.84 -11.32
CA GLY C 57 -22.78 29.18 -12.00
C GLY C 57 -23.49 30.38 -11.40
N CYS C 58 -24.30 31.06 -12.21
CA CYS C 58 -24.98 32.26 -11.75
C CYS C 58 -26.40 32.32 -12.30
N GLU C 59 -26.93 33.54 -12.39
CA GLU C 59 -28.28 33.73 -12.87
C GLU C 59 -28.36 33.70 -14.40
N VAL C 60 -28.97 32.64 -14.92
CA VAL C 60 -29.20 32.55 -16.36
C VAL C 60 -30.69 32.59 -16.67
N GLU C 61 -31.15 33.77 -17.08
CA GLU C 61 -32.55 33.99 -17.41
C GLU C 61 -32.76 33.68 -18.88
N ALA C 62 -31.95 34.30 -19.73
CA ALA C 62 -32.05 34.16 -21.18
C ALA C 62 -31.80 32.72 -21.62
N THR C 63 -32.63 32.25 -22.56
CA THR C 63 -32.53 30.88 -23.04
C THR C 63 -31.34 30.70 -23.97
N VAL C 64 -30.51 29.70 -23.66
CA VAL C 64 -29.30 29.42 -24.43
C VAL C 64 -29.24 27.95 -24.82
N GLY C 65 -28.28 27.63 -25.69
CA GLY C 65 -28.03 26.27 -26.10
C GLY C 65 -27.71 25.42 -24.89
N GLU C 66 -26.58 25.70 -24.25
CA GLU C 66 -26.27 25.08 -22.96
C GLU C 66 -25.31 25.94 -22.13
N VAL C 67 -25.48 25.89 -20.82
CA VAL C 67 -24.64 26.67 -19.91
C VAL C 67 -23.35 25.92 -19.62
N VAL C 68 -22.23 26.49 -20.06
CA VAL C 68 -20.91 25.93 -19.83
C VAL C 68 -20.09 26.89 -18.96
N THR C 69 -18.96 26.43 -18.44
CA THR C 69 -18.10 27.31 -17.64
C THR C 69 -16.89 27.80 -18.41
N ASN C 70 -16.27 28.85 -17.88
CA ASN C 70 -15.02 29.34 -18.43
C ASN C 70 -13.95 28.26 -18.36
N THR C 71 -14.10 27.34 -17.41
CA THR C 71 -13.16 26.22 -17.28
C THR C 71 -13.26 25.32 -18.51
N TRP C 72 -14.48 25.07 -18.96
CA TRP C 72 -14.71 24.38 -20.22
C TRP C 72 -14.06 25.16 -21.34
N LEU C 73 -14.38 26.45 -21.40
CA LEU C 73 -13.88 27.33 -22.44
C LEU C 73 -12.36 27.30 -22.55
N VAL C 74 -11.68 27.66 -21.46
CA VAL C 74 -10.22 27.70 -21.43
C VAL C 74 -9.64 26.33 -21.75
N THR C 75 -10.27 25.27 -21.25
CA THR C 75 -9.82 23.91 -21.53
C THR C 75 -9.87 23.62 -23.03
N CYS C 76 -11.03 23.89 -23.63
CA CYS C 76 -11.22 23.68 -25.05
C CYS C 76 -10.12 24.31 -25.88
N ILE C 77 -9.81 25.57 -25.59
CA ILE C 77 -8.80 26.32 -26.33
C ILE C 77 -7.40 25.74 -26.12
N ASP C 78 -7.12 25.27 -24.91
CA ASP C 78 -5.81 24.74 -24.57
C ASP C 78 -5.50 23.45 -25.34
N TYR C 79 -6.55 22.75 -25.75
CA TYR C 79 -6.39 21.52 -26.50
C TYR C 79 -6.76 21.69 -27.98
N GLN C 80 -7.35 22.84 -28.30
CA GLN C 80 -7.88 23.13 -29.65
C GLN C 80 -8.99 22.16 -30.04
N THR C 81 -9.66 21.62 -29.02
CA THR C 81 -10.72 20.65 -29.22
C THR C 81 -11.98 21.22 -28.60
N LEU C 82 -13.14 20.95 -29.21
CA LEU C 82 -14.42 21.36 -28.67
C LEU C 82 -15.06 20.22 -27.89
N PHE C 83 -14.85 20.18 -26.58
CA PHE C 83 -15.33 19.08 -25.74
C PHE C 83 -16.82 19.15 -25.42
N ASP C 84 -17.45 17.99 -25.23
CA ASP C 84 -18.83 17.94 -24.77
C ASP C 84 -18.83 18.37 -23.30
N PRO C 85 -19.69 19.33 -22.94
CA PRO C 85 -19.80 19.84 -21.57
C PRO C 85 -20.20 18.76 -20.56
N LYS C 86 -20.83 17.69 -21.04
CA LYS C 86 -21.31 16.62 -20.18
C LYS C 86 -20.19 15.64 -19.87
N SER C 87 -19.05 15.82 -20.54
CA SER C 87 -17.94 14.87 -20.41
C SER C 87 -16.96 15.20 -19.29
N ASN C 88 -17.32 16.19 -18.46
CA ASN C 88 -16.51 16.63 -17.33
C ASN C 88 -17.37 17.59 -16.50
N PRO C 89 -17.42 17.39 -15.19
CA PRO C 89 -18.29 18.16 -14.30
C PRO C 89 -17.84 19.59 -13.99
N LEU C 90 -16.60 19.95 -14.34
CA LEU C 90 -16.15 21.33 -14.21
C LEU C 90 -16.52 22.17 -15.45
N PHE C 91 -16.91 21.49 -16.53
CA PHE C 91 -17.28 22.16 -17.78
C PHE C 91 -18.65 22.84 -17.65
N THR C 92 -19.47 22.34 -16.74
CA THR C 92 -20.77 22.95 -16.44
C THR C 92 -20.80 23.42 -14.97
N PRO C 93 -21.72 24.33 -14.59
CA PRO C 93 -21.68 24.90 -13.23
C PRO C 93 -21.63 23.83 -12.14
N VAL C 94 -20.78 24.03 -11.15
CA VAL C 94 -20.56 23.03 -10.10
C VAL C 94 -21.35 23.38 -8.84
N PRO C 95 -22.18 22.44 -8.35
CA PRO C 95 -22.86 22.67 -7.07
C PRO C 95 -21.90 22.67 -5.89
N VAL C 96 -21.99 23.72 -5.07
CA VAL C 96 -21.24 23.82 -3.83
C VAL C 96 -22.20 24.29 -2.75
N MET C 97 -22.17 23.65 -1.58
CA MET C 97 -22.89 24.15 -0.41
C MET C 97 -22.06 25.24 0.25
N THR C 98 -22.40 26.51 0.02
CA THR C 98 -21.53 27.58 0.47
C THR C 98 -21.58 27.73 1.97
N GLY C 99 -20.56 28.35 2.55
CA GLY C 99 -20.52 28.54 4.00
C GLY C 99 -19.86 27.40 4.73
N MET C 100 -19.72 26.26 4.07
CA MET C 100 -19.14 25.07 4.70
C MET C 100 -17.66 24.94 4.39
N THR C 101 -16.88 24.61 5.43
CA THR C 101 -15.48 24.24 5.27
C THR C 101 -15.24 22.82 5.77
N PRO C 102 -15.82 21.83 5.06
CA PRO C 102 -15.65 20.44 5.46
C PRO C 102 -14.21 19.96 5.34
N LEU C 103 -13.42 20.59 4.46
CA LEU C 103 -12.05 20.15 4.21
C LEU C 103 -11.05 20.90 5.10
N GLU C 104 -11.60 21.63 6.07
CA GLU C 104 -10.86 22.38 7.08
C GLU C 104 -9.42 21.94 7.32
N ASP C 105 -9.19 20.69 7.70
CA ASP C 105 -7.85 20.31 8.15
C ASP C 105 -7.01 19.54 7.14
N CYS C 106 -7.37 19.61 5.86
CA CYS C 106 -6.78 18.72 4.89
C CYS C 106 -5.67 19.41 4.12
N VAL C 107 -4.67 18.63 3.73
CA VAL C 107 -3.61 19.13 2.87
C VAL C 107 -3.52 18.24 1.62
N ILE C 108 -3.91 18.82 0.49
CA ILE C 108 -4.22 18.05 -0.69
C ILE C 108 -3.18 18.20 -1.81
N SER C 109 -2.84 17.08 -2.42
CA SER C 109 -2.05 17.15 -3.63
C SER C 109 -2.94 16.67 -4.74
N PHE C 110 -2.61 17.09 -5.96
CA PHE C 110 -3.24 16.56 -7.14
C PHE C 110 -2.24 15.74 -7.93
N SER C 111 -2.78 14.84 -8.73
CA SER C 111 -1.96 14.12 -9.67
C SER C 111 -2.80 13.87 -10.91
N GLN C 112 -2.16 13.94 -12.06
CA GLN C 112 -2.78 13.68 -13.34
C GLN C 112 -3.76 14.79 -13.78
N CYS C 113 -3.68 15.94 -13.11
CA CYS C 113 -4.53 17.10 -13.46
C CYS C 113 -3.66 18.30 -13.84
N ALA C 114 -4.00 18.96 -14.93
CA ALA C 114 -3.21 20.09 -15.41
C ALA C 114 -4.05 21.31 -15.79
N GLY C 115 -3.39 22.45 -15.94
CA GLY C 115 -4.03 23.67 -16.38
C GLY C 115 -5.36 24.04 -15.72
N ALA C 116 -6.30 24.46 -16.55
CA ALA C 116 -7.58 25.01 -16.09
C ALA C 116 -8.31 24.08 -15.13
N GLU C 117 -8.37 22.80 -15.47
CA GLU C 117 -9.03 21.84 -14.62
C GLU C 117 -8.43 21.90 -13.20
N LYS C 118 -7.11 21.93 -13.15
CA LYS C 118 -6.38 21.94 -11.89
C LYS C 118 -6.56 23.22 -11.14
N GLU C 119 -6.63 24.35 -11.84
CA GLU C 119 -6.91 25.63 -11.20
C GLU C 119 -8.28 25.59 -10.53
N SER C 120 -9.26 25.05 -11.25
CA SER C 120 -10.62 24.90 -10.72
C SER C 120 -10.72 23.96 -9.51
N LEU C 121 -10.09 22.80 -9.60
CA LEU C 121 -10.15 21.85 -8.49
C LEU C 121 -9.47 22.42 -7.26
N THR C 122 -8.31 23.04 -7.49
CA THR C 122 -7.60 23.75 -6.42
C THR C 122 -8.47 24.87 -5.89
N PHE C 123 -9.22 25.51 -6.77
CA PHE C 123 -10.17 26.52 -6.31
C PHE C 123 -11.18 25.94 -5.33
N LEU C 124 -11.85 24.86 -5.73
CA LEU C 124 -12.87 24.25 -4.90
C LEU C 124 -12.29 23.73 -3.59
N ALA C 125 -11.11 23.13 -3.67
CA ALA C 125 -10.43 22.60 -2.49
C ALA C 125 -10.18 23.70 -1.48
N ASN C 126 -9.62 24.82 -1.92
CA ASN C 126 -9.38 25.95 -1.04
C ASN C 126 -10.69 26.44 -0.44
N LEU C 127 -11.71 26.53 -1.30
CA LEU C 127 -13.04 26.98 -0.88
C LEU C 127 -13.51 26.21 0.33
N LEU C 128 -13.35 24.88 0.28
CA LEU C 128 -13.73 24.02 1.38
C LEU C 128 -12.77 24.10 2.56
N GLY C 129 -11.78 24.98 2.44
CA GLY C 129 -10.88 25.21 3.56
C GLY C 129 -9.69 24.28 3.66
N ALA C 130 -9.47 23.47 2.63
CA ALA C 130 -8.25 22.67 2.58
C ALA C 130 -7.09 23.60 2.24
N SER C 131 -5.86 23.15 2.49
CA SER C 131 -4.74 23.78 1.77
C SER C 131 -4.24 22.85 0.66
N VAL C 132 -3.81 23.43 -0.45
CA VAL C 132 -3.33 22.65 -1.58
C VAL C 132 -1.82 22.81 -1.74
N GLN C 133 -1.11 21.72 -2.06
CA GLN C 133 0.33 21.79 -2.35
C GLN C 133 0.70 21.11 -3.66
N GLU C 134 1.78 21.58 -4.26
CA GLU C 134 2.26 20.98 -5.49
C GLU C 134 2.80 19.59 -5.19
N TYR C 135 3.59 19.52 -4.12
CA TYR C 135 4.26 18.30 -3.69
C TYR C 135 3.42 17.43 -2.76
N PHE C 136 3.35 16.14 -3.07
CA PHE C 136 2.80 15.14 -2.17
C PHE C 136 3.90 14.80 -1.16
N VAL C 137 3.61 14.94 0.13
CA VAL C 137 4.63 15.01 1.16
C VAL C 137 4.24 14.14 2.35
N ARG C 138 5.13 13.28 2.76
CA ARG C 138 4.80 12.25 3.75
C ARG C 138 4.96 12.82 5.16
N LYS C 139 6.07 13.53 5.39
CA LYS C 139 6.39 14.13 6.67
C LYS C 139 6.56 15.63 6.50
N SER C 140 6.01 16.43 7.42
CA SER C 140 6.20 17.89 7.37
C SER C 140 7.65 18.25 7.52
N ASN C 141 8.10 19.17 6.69
CA ASN C 141 9.47 19.67 6.80
C ASN C 141 9.49 21.20 6.80
N ALA C 142 9.75 21.78 7.98
CA ALA C 142 9.64 23.22 8.16
C ALA C 142 10.69 23.98 7.35
N LYS C 143 11.89 23.42 7.33
CA LYS C 143 12.98 24.00 6.55
C LYS C 143 12.65 24.05 5.06
N LYS C 144 12.09 22.97 4.53
CA LYS C 144 11.68 22.91 3.13
C LYS C 144 10.40 23.69 2.82
N GLY C 145 9.61 24.00 3.86
CA GLY C 145 8.29 24.61 3.70
C GLY C 145 7.16 23.67 3.26
N MET C 146 7.31 22.36 3.48
CA MET C 146 6.28 21.41 3.10
C MET C 146 5.52 20.84 4.28
N PHE C 147 4.19 20.93 4.24
CA PHE C 147 3.38 20.28 5.25
C PHE C 147 3.01 18.87 4.77
N ALA C 148 2.93 17.94 5.72
CA ALA C 148 2.56 16.58 5.41
C ALA C 148 1.20 16.56 4.75
N SER C 149 1.06 15.79 3.67
CA SER C 149 -0.19 15.69 2.93
C SER C 149 -1.17 14.73 3.63
N THR C 150 -2.48 14.97 3.44
CA THR C 150 -3.49 14.06 3.98
C THR C 150 -4.27 13.31 2.90
N HIS C 151 -4.28 13.83 1.68
CA HIS C 151 -5.08 13.30 0.59
C HIS C 151 -4.37 13.43 -0.74
N LEU C 152 -4.46 12.39 -1.57
CA LEU C 152 -4.07 12.55 -2.96
C LEU C 152 -5.35 12.53 -3.80
N ILE C 153 -5.50 13.47 -4.73
CA ILE C 153 -6.65 13.43 -5.62
C ILE C 153 -6.20 13.24 -7.05
N LEU C 154 -6.70 12.19 -7.70
CA LEU C 154 -6.28 11.83 -9.07
C LEU C 154 -7.34 11.17 -9.94
N LYS C 155 -6.89 10.59 -11.05
CA LYS C 155 -7.77 10.06 -12.10
C LYS C 155 -7.69 8.56 -12.36
N GLU C 156 -6.48 8.04 -12.61
CA GLU C 156 -6.25 6.61 -12.76
C GLU C 156 -5.35 6.10 -11.67
N ARG C 157 -5.15 4.78 -11.63
CA ARG C 157 -4.05 4.19 -10.92
C ARG C 157 -2.86 4.40 -11.80
N GLY C 158 -1.77 4.91 -11.22
CA GLY C 158 -0.54 5.10 -11.98
C GLY C 158 0.29 6.25 -11.47
N GLY C 159 1.59 6.17 -11.72
CA GLY C 159 2.45 7.30 -11.44
C GLY C 159 3.00 7.31 -10.04
N SER C 160 4.03 8.12 -9.83
CA SER C 160 4.77 8.18 -8.57
C SER C 160 3.96 8.76 -7.40
N LYS C 161 3.01 9.64 -7.69
CA LYS C 161 2.23 10.19 -6.58
C LYS C 161 1.35 9.11 -6.00
N TYR C 162 0.62 8.40 -6.87
CA TYR C 162 -0.14 7.22 -6.51
C TYR C 162 0.68 6.16 -5.75
N GLU C 163 1.92 5.91 -6.15
CA GLU C 163 2.70 4.86 -5.54
C GLU C 163 3.13 5.23 -4.14
N ALA C 164 3.35 6.51 -3.94
CA ALA C 164 3.67 7.02 -2.62
C ALA C 164 2.45 6.92 -1.73
N ALA C 165 1.28 7.25 -2.26
CA ALA C 165 0.05 7.15 -1.48
C ALA C 165 -0.14 5.73 -0.97
N LYS C 166 0.04 4.73 -1.85
CA LYS C 166 -0.16 3.35 -1.41
C LYS C 166 0.87 2.98 -0.36
N LYS C 167 2.09 3.45 -0.55
CA LYS C 167 3.20 3.05 0.30
C LYS C 167 3.07 3.76 1.65
N TRP C 168 2.57 4.99 1.61
CA TRP C 168 2.43 5.78 2.82
C TRP C 168 1.11 5.52 3.57
N ASN C 169 0.21 4.73 2.96
CA ASN C 169 -1.10 4.40 3.53
C ASN C 169 -2.04 5.61 3.63
N LEU C 170 -1.93 6.51 2.65
CA LEU C 170 -2.70 7.75 2.59
C LEU C 170 -3.75 7.64 1.50
N PRO C 171 -4.91 8.27 1.73
CA PRO C 171 -6.01 8.10 0.77
C PRO C 171 -5.72 8.76 -0.56
N ALA C 172 -5.78 7.96 -1.61
CA ALA C 172 -5.61 8.49 -2.97
C ALA C 172 -6.95 8.36 -3.63
N VAL C 173 -7.70 9.45 -3.71
CA VAL C 173 -9.12 9.38 -4.07
C VAL C 173 -9.41 10.02 -5.39
N THR C 174 -10.65 9.88 -5.82
CA THR C 174 -11.07 10.37 -7.11
C THR C 174 -11.51 11.81 -6.99
N ILE C 175 -11.71 12.47 -8.13
CA ILE C 175 -12.10 13.87 -8.15
C ILE C 175 -13.50 14.03 -7.57
N ALA C 176 -14.32 12.99 -7.80
CA ALA C 176 -15.69 12.94 -7.33
C ALA C 176 -15.77 13.01 -5.80
N TRP C 177 -14.69 12.62 -5.13
CA TRP C 177 -14.66 12.76 -3.69
C TRP C 177 -14.76 14.25 -3.43
N LEU C 178 -13.95 15.03 -4.14
CA LEU C 178 -13.92 16.46 -3.92
C LEU C 178 -15.27 17.11 -4.24
N LEU C 179 -15.89 16.70 -5.34
CA LEU C 179 -17.09 17.37 -5.80
C LEU C 179 -18.33 16.99 -4.96
N GLU C 180 -18.25 15.87 -4.27
CA GLU C 180 -19.36 15.39 -3.46
C GLU C 180 -19.34 16.08 -2.11
N THR C 181 -18.16 16.19 -1.53
CA THR C 181 -17.95 17.01 -0.37
C THR C 181 -18.42 18.43 -0.65
N ALA C 182 -18.04 18.93 -1.82
CA ALA C 182 -18.45 20.25 -2.28
C ALA C 182 -19.99 20.43 -2.34
N ARG C 183 -20.68 19.40 -2.78
CA ARG C 183 -22.11 19.46 -3.00
C ARG C 183 -22.87 19.48 -1.68
N THR C 184 -22.45 18.65 -0.74
CA THR C 184 -23.15 18.44 0.50
C THR C 184 -22.61 19.32 1.63
N GLY C 185 -21.49 19.98 1.37
CA GLY C 185 -20.79 20.68 2.43
C GLY C 185 -20.28 19.74 3.51
N LYS C 186 -20.31 18.44 3.24
CA LYS C 186 -19.86 17.46 4.22
C LYS C 186 -18.75 16.61 3.64
N ARG C 187 -17.75 16.33 4.46
CA ARG C 187 -16.59 15.55 4.03
C ARG C 187 -17.02 14.18 3.53
N ALA C 188 -16.78 13.90 2.25
CA ALA C 188 -17.14 12.59 1.67
C ALA C 188 -16.28 11.49 2.29
N ASP C 189 -16.86 10.30 2.42
CA ASP C 189 -16.13 9.16 2.97
C ASP C 189 -15.09 8.73 1.96
N GLU C 190 -13.81 8.89 2.31
CA GLU C 190 -12.73 8.65 1.37
C GLU C 190 -12.82 7.21 0.88
N SER C 191 -13.09 6.28 1.79
CA SER C 191 -13.14 4.86 1.47
C SER C 191 -14.15 4.52 0.37
N HIS C 192 -15.12 5.39 0.14
CA HIS C 192 -16.08 5.22 -0.94
C HIS C 192 -15.59 5.79 -2.27
N PHE C 193 -14.39 6.38 -2.28
CA PHE C 193 -13.91 7.06 -3.48
C PHE C 193 -12.45 6.73 -3.77
N LEU C 194 -11.97 5.59 -3.29
CA LEU C 194 -10.57 5.21 -3.50
C LEU C 194 -10.35 4.89 -4.96
N ILE C 195 -9.27 5.41 -5.52
CA ILE C 195 -8.96 5.16 -6.93
C ILE C 195 -8.64 3.68 -7.08
N GLU C 196 -8.22 3.08 -5.95
CA GLU C 196 -7.94 1.66 -5.83
C GLU C 196 -9.10 0.80 -6.25
N ASN C 197 -10.31 1.34 -6.14
CA ASN C 197 -11.54 0.59 -6.40
C ASN C 197 -12.31 1.12 -7.60
N SER C 198 -11.78 2.17 -8.23
CA SER C 198 -12.42 2.76 -9.41
C SER C 198 -12.35 1.83 -10.63
N THR C 199 -13.45 1.77 -11.38
CA THR C 199 -13.53 0.93 -12.58
C THR C 199 -13.73 1.79 -13.83
N GLY D 8 -0.70 -16.97 45.97
CA GLY D 8 -1.58 -16.39 44.97
C GLY D 8 -0.98 -15.19 44.24
N LEU D 9 -1.68 -14.68 43.23
CA LEU D 9 -1.19 -13.55 42.45
C LEU D 9 -1.41 -12.22 43.14
N PHE D 10 -2.57 -12.04 43.75
CA PHE D 10 -2.87 -10.81 44.47
C PHE D 10 -2.56 -10.96 45.95
N SER D 11 -1.63 -11.85 46.26
CA SER D 11 -1.13 -12.09 47.60
C SER D 11 -0.78 -10.78 48.30
N GLN D 12 -1.30 -10.60 49.51
CA GLN D 12 -1.12 -9.38 50.30
C GLN D 12 -1.39 -8.09 49.50
N LYS D 13 -2.53 -8.06 48.83
CA LYS D 13 -3.00 -6.88 48.12
C LYS D 13 -4.44 -6.56 48.52
N SER D 14 -4.66 -5.33 48.97
CA SER D 14 -5.98 -4.88 49.38
C SER D 14 -6.60 -4.09 48.25
N PHE D 15 -7.91 -4.28 48.05
CA PHE D 15 -8.63 -3.66 46.94
C PHE D 15 -9.86 -2.89 47.39
N LEU D 16 -10.31 -1.96 46.56
CA LEU D 16 -11.59 -1.28 46.78
C LEU D 16 -12.34 -1.15 45.46
N VAL D 17 -13.48 -1.82 45.36
CA VAL D 17 -14.28 -1.77 44.15
C VAL D 17 -15.25 -0.58 44.21
N LEU D 18 -15.24 0.24 43.15
CA LEU D 18 -16.08 1.43 43.10
C LEU D 18 -16.75 1.60 41.75
N GLY D 19 -17.94 2.20 41.74
CA GLY D 19 -18.61 2.62 40.53
C GLY D 19 -19.32 1.56 39.70
N PHE D 20 -19.37 0.32 40.16
CA PHE D 20 -20.06 -0.74 39.43
C PHE D 20 -21.52 -0.98 39.89
N SER D 21 -22.26 -1.78 39.12
CA SER D 21 -23.65 -2.05 39.44
C SER D 21 -23.74 -2.88 40.71
N ASN D 22 -24.97 -3.20 41.12
CA ASN D 22 -25.18 -3.98 42.32
C ASN D 22 -24.52 -5.35 42.19
N GLU D 23 -24.69 -5.97 41.03
CA GLU D 23 -24.11 -7.28 40.78
C GLU D 23 -22.64 -7.16 40.38
N ASN D 24 -22.35 -6.28 39.43
CA ASN D 24 -20.99 -6.10 38.89
C ASN D 24 -19.92 -5.91 39.95
N GLU D 25 -20.26 -5.19 41.02
CA GLU D 25 -19.36 -5.04 42.14
C GLU D 25 -18.97 -6.43 42.64
N SER D 26 -19.96 -7.30 42.82
CA SER D 26 -19.76 -8.63 43.40
C SER D 26 -18.89 -9.55 42.54
N ASN D 27 -19.10 -9.54 41.23
CA ASN D 27 -18.31 -10.36 40.33
C ASN D 27 -16.83 -9.99 40.38
N ILE D 28 -16.55 -8.70 40.45
CA ILE D 28 -15.18 -8.24 40.54
C ILE D 28 -14.57 -8.62 41.87
N ALA D 29 -15.30 -8.37 42.95
CA ALA D 29 -14.83 -8.68 44.29
C ALA D 29 -14.53 -10.16 44.38
N ASN D 30 -15.35 -10.97 43.73
CA ASN D 30 -15.14 -12.41 43.70
C ASN D 30 -13.85 -12.80 43.02
N ILE D 31 -13.65 -12.30 41.81
CA ILE D 31 -12.48 -12.66 41.02
C ILE D 31 -11.18 -12.18 41.67
N ILE D 32 -11.28 -11.19 42.55
CA ILE D 32 -10.10 -10.67 43.27
C ILE D 32 -9.68 -11.62 44.38
N LYS D 33 -10.65 -12.04 45.18
CA LYS D 33 -10.41 -13.03 46.23
C LYS D 33 -9.96 -14.33 45.60
N GLU D 34 -10.64 -14.72 44.52
CA GLU D 34 -10.32 -15.94 43.79
C GLU D 34 -8.87 -15.98 43.31
N ASN D 35 -8.21 -14.83 43.35
CA ASN D 35 -6.78 -14.76 43.05
C ASN D 35 -5.98 -14.16 44.20
N ALA D 36 -6.56 -14.24 45.40
CA ALA D 36 -5.89 -13.97 46.69
C ALA D 36 -5.75 -12.51 47.15
N GLY D 37 -6.66 -11.64 46.71
CA GLY D 37 -6.65 -10.26 47.16
C GLY D 37 -7.65 -10.01 48.26
N LYS D 38 -7.53 -8.87 48.95
CA LYS D 38 -8.47 -8.53 50.03
C LYS D 38 -9.33 -7.29 49.72
N ILE D 39 -10.59 -7.31 50.17
CA ILE D 39 -11.54 -6.23 49.93
C ILE D 39 -11.78 -5.40 51.20
N MET D 40 -12.13 -4.13 51.05
CA MET D 40 -12.34 -3.24 52.19
C MET D 40 -13.61 -2.40 52.11
N VAL D 47 -5.78 1.95 54.24
CA VAL D 47 -5.57 2.45 52.88
C VAL D 47 -5.26 1.31 51.91
N ALA D 48 -6.05 1.23 50.84
CA ALA D 48 -5.99 0.11 49.89
C ALA D 48 -4.89 0.26 48.84
N ASP D 49 -4.28 -0.87 48.48
CA ASP D 49 -3.22 -0.90 47.48
C ASP D 49 -3.73 -0.50 46.11
N TYR D 50 -4.98 -0.85 45.81
CA TYR D 50 -5.60 -0.51 44.53
C TYR D 50 -7.05 -0.06 44.70
N ALA D 51 -7.55 0.69 43.72
CA ALA D 51 -8.97 1.03 43.65
C ALA D 51 -9.51 0.71 42.26
N VAL D 52 -10.27 -0.36 42.14
CA VAL D 52 -10.81 -0.80 40.86
C VAL D 52 -12.07 -0.02 40.50
N VAL D 53 -12.06 0.62 39.33
CA VAL D 53 -13.18 1.47 38.89
C VAL D 53 -13.53 1.12 37.43
N PRO D 54 -14.67 1.63 36.93
CA PRO D 54 -15.03 1.37 35.53
C PRO D 54 -14.00 1.90 34.55
N LEU D 55 -14.08 1.45 33.30
CA LEU D 55 -13.17 1.89 32.25
C LEU D 55 -13.15 3.41 32.14
N LEU D 56 -14.29 4.05 32.42
CA LEU D 56 -14.34 5.49 32.29
C LEU D 56 -14.07 6.22 33.61
N GLY D 57 -13.78 5.44 34.65
CA GLY D 57 -13.47 6.01 35.95
C GLY D 57 -14.66 6.66 36.61
N CYS D 58 -14.64 6.73 37.93
CA CYS D 58 -15.77 7.28 38.68
C CYS D 58 -15.29 8.12 39.86
N GLU D 59 -16.13 8.24 40.86
CA GLU D 59 -15.82 9.04 42.02
C GLU D 59 -14.93 8.30 43.01
N VAL D 60 -13.67 8.72 43.11
CA VAL D 60 -12.75 8.15 44.09
C VAL D 60 -12.38 9.19 45.13
N GLU D 61 -13.03 9.09 46.29
CA GLU D 61 -12.80 10.00 47.41
C GLU D 61 -11.69 9.44 48.28
N ALA D 62 -11.87 8.18 48.70
CA ALA D 62 -10.93 7.51 49.59
C ALA D 62 -9.56 7.38 48.95
N THR D 63 -8.51 7.63 49.74
CA THR D 63 -7.14 7.56 49.25
C THR D 63 -6.66 6.12 49.07
N VAL D 64 -6.17 5.83 47.87
CA VAL D 64 -5.70 4.49 47.54
C VAL D 64 -4.30 4.52 46.95
N GLY D 65 -3.71 3.34 46.80
CA GLY D 65 -2.40 3.20 46.17
C GLY D 65 -2.45 3.79 44.77
N GLU D 66 -3.21 3.15 43.89
CA GLU D 66 -3.48 3.72 42.58
C GLU D 66 -4.80 3.20 41.99
N VAL D 67 -5.47 4.07 41.23
CA VAL D 67 -6.73 3.72 40.61
C VAL D 67 -6.50 2.99 39.30
N VAL D 68 -6.90 1.72 39.27
CA VAL D 68 -6.79 0.89 38.08
C VAL D 68 -8.18 0.50 37.59
N THR D 69 -8.30 -0.03 36.37
CA THR D 69 -9.60 -0.49 35.86
C THR D 69 -9.76 -1.99 35.93
N ASN D 70 -11.01 -2.44 35.82
CA ASN D 70 -11.30 -3.86 35.75
C ASN D 70 -10.65 -4.47 34.51
N THR D 71 -10.39 -3.64 33.51
CA THR D 71 -9.71 -4.09 32.30
C THR D 71 -8.28 -4.50 32.64
N TRP D 72 -7.63 -3.71 33.47
CA TRP D 72 -6.33 -4.06 34.01
C TRP D 72 -6.44 -5.36 34.78
N LEU D 73 -7.42 -5.41 35.68
CA LEU D 73 -7.64 -6.57 36.54
C LEU D 73 -7.80 -7.86 35.75
N VAL D 74 -8.81 -7.88 34.88
CA VAL D 74 -9.09 -9.05 34.07
C VAL D 74 -7.89 -9.41 33.21
N THR D 75 -7.21 -8.41 32.68
CA THR D 75 -6.01 -8.65 31.87
C THR D 75 -4.93 -9.34 32.68
N CYS D 76 -4.63 -8.80 33.85
CA CYS D 76 -3.63 -9.38 34.75
C CYS D 76 -3.86 -10.86 34.99
N ILE D 77 -5.10 -11.21 35.32
CA ILE D 77 -5.48 -12.59 35.62
C ILE D 77 -5.34 -13.48 34.39
N ASP D 78 -5.69 -12.96 33.22
CA ASP D 78 -5.65 -13.74 32.00
C ASP D 78 -4.23 -14.14 31.62
N TYR D 79 -3.26 -13.36 32.08
CA TYR D 79 -1.86 -13.64 31.79
C TYR D 79 -1.12 -14.18 33.02
N GLN D 80 -1.78 -14.11 34.17
CA GLN D 80 -1.19 -14.47 35.46
C GLN D 80 0.01 -13.59 35.79
N THR D 81 0.00 -12.38 35.24
CA THR D 81 1.07 -11.42 35.43
C THR D 81 0.47 -10.17 36.05
N LEU D 82 1.21 -9.53 36.95
CA LEU D 82 0.79 -8.26 37.54
C LEU D 82 1.40 -7.08 36.79
N PHE D 83 0.67 -6.54 35.81
CA PHE D 83 1.16 -5.45 34.97
C PHE D 83 1.17 -4.07 35.65
N ASP D 84 2.13 -3.23 35.26
CA ASP D 84 2.14 -1.84 35.70
C ASP D 84 0.99 -1.12 35.01
N PRO D 85 0.13 -0.44 35.79
CA PRO D 85 -1.02 0.28 35.26
C PRO D 85 -0.64 1.38 34.26
N LYS D 86 0.61 1.84 34.33
CA LYS D 86 1.08 2.92 33.49
C LYS D 86 1.52 2.39 32.15
N SER D 87 1.57 1.07 32.01
CA SER D 87 2.08 0.44 30.79
C SER D 87 1.02 0.19 29.72
N ASN D 88 -0.18 0.72 29.93
CA ASN D 88 -1.31 0.59 29.00
C ASN D 88 -2.40 1.53 29.48
N PRO D 89 -2.95 2.34 28.57
CA PRO D 89 -3.93 3.38 28.93
C PRO D 89 -5.35 2.87 29.26
N LEU D 90 -5.65 1.60 28.98
CA LEU D 90 -6.92 1.01 29.39
C LEU D 90 -6.85 0.47 30.84
N PHE D 91 -5.64 0.35 31.37
CA PHE D 91 -5.43 -0.17 32.71
C PHE D 91 -5.84 0.85 33.76
N THR D 92 -5.81 2.14 33.39
CA THR D 92 -6.26 3.23 34.25
C THR D 92 -7.45 3.96 33.58
N PRO D 93 -8.27 4.71 34.35
CA PRO D 93 -9.48 5.29 33.78
C PRO D 93 -9.22 6.08 32.50
N VAL D 94 -10.06 5.88 31.49
CA VAL D 94 -9.86 6.49 30.18
C VAL D 94 -10.72 7.73 30.02
N PRO D 95 -10.10 8.88 29.68
CA PRO D 95 -10.89 10.07 29.38
C PRO D 95 -11.70 9.93 28.09
N VAL D 96 -12.98 10.25 28.19
CA VAL D 96 -13.88 10.30 27.05
C VAL D 96 -14.72 11.57 27.17
N MET D 97 -14.88 12.31 26.06
CA MET D 97 -15.82 13.42 25.99
C MET D 97 -17.19 12.84 25.69
N THR D 98 -18.03 12.73 26.71
CA THR D 98 -19.31 12.04 26.53
C THR D 98 -20.24 12.89 25.70
N GLY D 99 -21.23 12.25 25.07
CA GLY D 99 -22.20 12.97 24.28
C GLY D 99 -21.81 13.09 22.83
N MET D 100 -20.54 12.83 22.54
CA MET D 100 -20.00 12.96 21.18
C MET D 100 -19.97 11.62 20.46
N THR D 101 -20.40 11.62 19.20
CA THR D 101 -20.24 10.47 18.33
C THR D 101 -19.37 10.82 17.11
N PRO D 102 -18.09 11.12 17.35
CA PRO D 102 -17.21 11.49 16.24
C PRO D 102 -17.00 10.35 15.27
N LEU D 103 -17.14 9.10 15.73
CA LEU D 103 -16.89 7.95 14.87
C LEU D 103 -18.15 7.45 14.17
N GLU D 104 -19.19 8.26 14.26
CA GLU D 104 -20.48 8.06 13.62
C GLU D 104 -20.50 7.10 12.42
N ASP D 105 -19.72 7.38 11.38
CA ASP D 105 -19.89 6.61 10.13
C ASP D 105 -18.83 5.55 9.89
N CYS D 106 -18.12 5.14 10.93
CA CYS D 106 -16.95 4.31 10.73
C CYS D 106 -17.26 2.84 10.97
N VAL D 107 -16.56 1.98 10.25
CA VAL D 107 -16.66 0.54 10.47
C VAL D 107 -15.27 -0.01 10.71
N ILE D 108 -15.04 -0.42 11.95
CA ILE D 108 -13.72 -0.65 12.45
C ILE D 108 -13.39 -2.12 12.67
N SER D 109 -12.22 -2.55 12.24
CA SER D 109 -11.70 -3.84 12.62
C SER D 109 -10.55 -3.61 13.56
N PHE D 110 -10.28 -4.61 14.37
CA PHE D 110 -9.07 -4.65 15.16
C PHE D 110 -8.14 -5.71 14.64
N SER D 111 -6.86 -5.52 14.94
CA SER D 111 -5.88 -6.54 14.70
C SER D 111 -4.86 -6.49 15.81
N GLN D 112 -4.40 -7.66 16.23
CA GLN D 112 -3.35 -7.79 17.25
C GLN D 112 -3.84 -7.47 18.68
N CYS D 113 -5.17 -7.44 18.85
CA CYS D 113 -5.77 -7.15 20.15
C CYS D 113 -6.67 -8.32 20.54
N ALA D 114 -6.54 -8.79 21.78
CA ALA D 114 -7.36 -9.91 22.25
C ALA D 114 -8.01 -9.67 23.62
N GLY D 115 -8.99 -10.51 23.95
CA GLY D 115 -9.63 -10.49 25.25
C GLY D 115 -10.08 -9.14 25.78
N ALA D 116 -9.78 -8.90 27.05
CA ALA D 116 -10.28 -7.73 27.78
C ALA D 116 -9.96 -6.43 27.09
N GLU D 117 -8.71 -6.30 26.65
CA GLU D 117 -8.30 -5.09 25.94
C GLU D 117 -9.21 -4.83 24.76
N LYS D 118 -9.49 -5.89 24.00
CA LYS D 118 -10.29 -5.79 22.80
C LYS D 118 -11.75 -5.50 23.12
N GLU D 119 -12.25 -6.05 24.23
CA GLU D 119 -13.61 -5.76 24.65
C GLU D 119 -13.73 -4.28 24.99
N SER D 120 -12.73 -3.76 25.70
CA SER D 120 -12.68 -2.33 26.04
C SER D 120 -12.58 -1.39 24.82
N LEU D 121 -11.68 -1.70 23.90
CA LEU D 121 -11.51 -0.85 22.72
C LEU D 121 -12.79 -0.86 21.90
N THR D 122 -13.36 -2.05 21.73
CA THR D 122 -14.63 -2.21 21.03
C THR D 122 -15.69 -1.42 21.78
N PHE D 123 -15.61 -1.42 23.10
CA PHE D 123 -16.53 -0.61 23.89
C PHE D 123 -16.43 0.86 23.52
N LEU D 124 -15.21 1.41 23.57
CA LEU D 124 -15.01 2.82 23.27
C LEU D 124 -15.39 3.15 21.85
N ALA D 125 -15.06 2.27 20.92
CA ALA D 125 -15.42 2.46 19.52
C ALA D 125 -16.92 2.58 19.34
N ASN D 126 -17.68 1.67 19.92
CA ASN D 126 -19.12 1.72 19.82
C ASN D 126 -19.62 3.02 20.43
N LEU D 127 -19.06 3.37 21.58
CA LEU D 127 -19.45 4.56 22.33
C LEU D 127 -19.41 5.77 21.42
N LEU D 128 -18.35 5.88 20.64
CA LEU D 128 -18.19 6.97 19.70
C LEU D 128 -19.07 6.81 18.46
N GLY D 129 -19.86 5.74 18.44
CA GLY D 129 -20.84 5.56 17.38
C GLY D 129 -20.32 4.87 16.13
N ALA D 130 -19.13 4.28 16.22
CA ALA D 130 -18.65 3.43 15.13
C ALA D 130 -19.41 2.12 15.19
N SER D 131 -19.38 1.33 14.12
CA SER D 131 -19.67 -0.09 14.29
C SER D 131 -18.37 -0.90 14.21
N VAL D 132 -18.31 -1.98 14.97
CA VAL D 132 -17.11 -2.81 14.98
C VAL D 132 -17.39 -4.18 14.37
N GLN D 133 -16.46 -4.70 13.57
CA GLN D 133 -16.59 -6.04 12.98
C GLN D 133 -15.36 -6.90 13.22
N GLU D 134 -15.59 -8.21 13.26
CA GLU D 134 -14.49 -9.14 13.45
C GLU D 134 -13.63 -9.14 12.20
N TYR D 135 -14.29 -9.16 11.05
CA TYR D 135 -13.63 -9.25 9.74
C TYR D 135 -13.30 -7.88 9.14
N PHE D 136 -12.05 -7.72 8.68
CA PHE D 136 -11.66 -6.58 7.89
C PHE D 136 -12.14 -6.85 6.47
N VAL D 137 -12.91 -5.94 5.89
CA VAL D 137 -13.70 -6.23 4.70
C VAL D 137 -13.60 -5.08 3.71
N ARG D 138 -13.29 -5.40 2.47
CA ARG D 138 -12.96 -4.38 1.49
C ARG D 138 -14.22 -3.87 0.82
N LYS D 139 -15.10 -4.79 0.45
CA LYS D 139 -16.34 -4.46 -0.22
C LYS D 139 -17.49 -5.01 0.61
N SER D 140 -18.56 -4.25 0.77
CA SER D 140 -19.75 -4.72 1.46
C SER D 140 -20.36 -5.91 0.75
N ASN D 141 -20.74 -6.91 1.52
CA ASN D 141 -21.44 -8.06 0.96
C ASN D 141 -22.69 -8.39 1.78
N ALA D 142 -23.86 -8.03 1.24
CA ALA D 142 -25.12 -8.16 1.97
C ALA D 142 -25.46 -9.62 2.29
N LYS D 143 -25.20 -10.49 1.32
CA LYS D 143 -25.42 -11.92 1.52
C LYS D 143 -24.57 -12.48 2.67
N LYS D 144 -23.30 -12.09 2.72
CA LYS D 144 -22.40 -12.52 3.80
C LYS D 144 -22.66 -11.81 5.14
N GLY D 145 -23.34 -10.66 5.08
CA GLY D 145 -23.54 -9.81 6.25
C GLY D 145 -22.38 -8.90 6.65
N MET D 146 -21.44 -8.65 5.73
CA MET D 146 -20.27 -7.84 6.04
C MET D 146 -20.37 -6.46 5.40
N PHE D 147 -20.19 -5.42 6.20
CA PHE D 147 -20.09 -4.06 5.69
C PHE D 147 -18.63 -3.71 5.45
N ALA D 148 -18.37 -2.98 4.37
CA ALA D 148 -17.01 -2.55 4.04
C ALA D 148 -16.42 -1.80 5.21
N SER D 149 -15.17 -2.11 5.53
CA SER D 149 -14.47 -1.47 6.64
C SER D 149 -13.91 -0.12 6.23
N THR D 150 -13.81 0.81 7.19
CA THR D 150 -13.18 2.11 6.93
C THR D 150 -11.83 2.30 7.62
N HIS D 151 -11.57 1.54 8.69
CA HIS D 151 -10.42 1.71 9.55
C HIS D 151 -9.90 0.39 10.08
N LEU D 152 -8.58 0.22 10.06
CA LEU D 152 -7.97 -0.87 10.81
C LEU D 152 -7.27 -0.28 12.03
N ILE D 153 -7.57 -0.80 13.23
CA ILE D 153 -6.83 -0.38 14.43
C ILE D 153 -5.93 -1.50 14.97
N LEU D 154 -4.62 -1.23 15.04
CA LEU D 154 -3.65 -2.22 15.50
C LEU D 154 -2.45 -1.70 16.30
N LYS D 155 -1.45 -2.57 16.44
CA LYS D 155 -0.29 -2.32 17.29
C LYS D 155 1.07 -2.20 16.59
N GLU D 156 1.42 -3.20 15.78
CA GLU D 156 2.66 -3.18 14.99
C GLU D 156 2.33 -3.20 13.51
N ARG D 157 3.38 -3.11 12.69
CA ARG D 157 3.27 -3.51 11.28
C ARG D 157 3.37 -5.00 11.27
N GLY D 158 2.45 -5.66 10.58
CA GLY D 158 2.51 -7.10 10.48
C GLY D 158 1.14 -7.73 10.32
N GLY D 159 1.11 -8.93 9.74
CA GLY D 159 -0.11 -9.68 9.72
C GLY D 159 -0.97 -9.37 8.52
N SER D 160 -1.92 -10.26 8.24
CA SER D 160 -2.75 -10.19 7.06
C SER D 160 -3.77 -9.04 7.09
N LYS D 161 -4.16 -8.60 8.28
CA LYS D 161 -5.09 -7.49 8.31
C LYS D 161 -4.38 -6.22 7.87
N TYR D 162 -3.22 -5.97 8.45
CA TYR D 162 -2.32 -4.91 8.00
C TYR D 162 -2.00 -4.94 6.48
N GLU D 163 -1.80 -6.12 5.90
CA GLU D 163 -1.40 -6.20 4.51
C GLU D 163 -2.55 -5.86 3.59
N ALA D 164 -3.74 -6.21 4.04
CA ALA D 164 -4.95 -5.86 3.32
C ALA D 164 -5.18 -4.34 3.34
N ALA D 165 -4.94 -3.73 4.51
CA ALA D 165 -5.11 -2.30 4.65
C ALA D 165 -4.19 -1.56 3.68
N LYS D 166 -2.92 -1.95 3.61
CA LYS D 166 -1.99 -1.30 2.69
C LYS D 166 -2.45 -1.50 1.25
N LYS D 167 -2.86 -2.71 0.92
CA LYS D 167 -3.24 -3.07 -0.43
C LYS D 167 -4.53 -2.37 -0.82
N TRP D 168 -5.45 -2.24 0.13
CA TRP D 168 -6.74 -1.62 -0.12
C TRP D 168 -6.73 -0.08 0.00
N ASN D 169 -5.60 0.48 0.45
CA ASN D 169 -5.46 1.93 0.66
C ASN D 169 -6.35 2.49 1.80
N LEU D 170 -6.55 1.67 2.83
CA LEU D 170 -7.38 1.99 3.98
C LEU D 170 -6.52 2.29 5.19
N PRO D 171 -6.97 3.24 6.01
CA PRO D 171 -6.11 3.66 7.14
C PRO D 171 -5.96 2.58 8.19
N ALA D 172 -4.71 2.21 8.42
CA ALA D 172 -4.41 1.24 9.47
C ALA D 172 -3.72 1.99 10.58
N VAL D 173 -4.45 2.31 11.64
CA VAL D 173 -3.97 3.28 12.61
C VAL D 173 -3.70 2.67 13.96
N THR D 174 -3.14 3.48 14.84
CA THR D 174 -2.77 3.01 16.16
C THR D 174 -3.96 3.16 17.12
N ILE D 175 -3.83 2.56 18.29
CA ILE D 175 -4.89 2.57 19.29
C ILE D 175 -5.11 3.98 19.79
N ALA D 176 -4.00 4.72 19.84
CA ALA D 176 -4.00 6.11 20.28
C ALA D 176 -4.87 6.99 19.40
N TRP D 177 -5.13 6.55 18.16
CA TRP D 177 -6.04 7.29 17.31
C TRP D 177 -7.39 7.21 18.00
N LEU D 178 -7.76 5.98 18.39
CA LEU D 178 -9.05 5.79 19.02
C LEU D 178 -9.19 6.59 20.34
N LEU D 179 -8.14 6.56 21.15
CA LEU D 179 -8.23 7.16 22.47
C LEU D 179 -8.18 8.70 22.45
N GLU D 180 -7.65 9.26 21.37
CA GLU D 180 -7.54 10.70 21.23
C GLU D 180 -8.87 11.27 20.73
N THR D 181 -9.45 10.62 19.76
CA THR D 181 -10.81 10.90 19.36
C THR D 181 -11.73 10.84 20.56
N ALA D 182 -11.55 9.81 21.38
CA ALA D 182 -12.31 9.61 22.60
C ALA D 182 -12.17 10.79 23.56
N ARG D 183 -10.96 11.31 23.67
CA ARG D 183 -10.65 12.36 24.65
C ARG D 183 -11.29 13.68 24.24
N THR D 184 -11.22 13.99 22.96
CA THR D 184 -11.60 15.29 22.46
C THR D 184 -13.03 15.29 21.95
N GLY D 185 -13.61 14.11 21.83
CA GLY D 185 -14.89 13.97 21.17
C GLY D 185 -14.81 14.33 19.69
N LYS D 186 -13.59 14.48 19.17
CA LYS D 186 -13.43 14.85 17.77
C LYS D 186 -12.60 13.82 17.07
N ARG D 187 -12.98 13.48 15.83
CA ARG D 187 -12.28 12.48 15.05
C ARG D 187 -10.80 12.85 14.84
N ALA D 188 -9.91 12.03 15.37
CA ALA D 188 -8.47 12.27 15.22
C ALA D 188 -8.06 12.14 13.76
N ASP D 189 -7.07 12.94 13.36
CA ASP D 189 -6.57 12.88 11.99
C ASP D 189 -5.84 11.56 11.81
N GLU D 190 -6.39 10.68 10.98
CA GLU D 190 -5.83 9.35 10.81
C GLU D 190 -4.34 9.42 10.39
N SER D 191 -4.03 10.35 9.47
CA SER D 191 -2.69 10.50 8.94
C SER D 191 -1.64 10.79 10.02
N HIS D 192 -2.06 11.29 11.17
CA HIS D 192 -1.17 11.50 12.30
C HIS D 192 -0.99 10.26 13.16
N PHE D 193 -1.67 9.19 12.82
CA PHE D 193 -1.65 7.99 13.67
C PHE D 193 -1.43 6.71 12.87
N LEU D 194 -0.83 6.81 11.68
CA LEU D 194 -0.63 5.65 10.81
C LEU D 194 0.40 4.74 11.43
N ILE D 195 0.11 3.44 11.48
CA ILE D 195 1.05 2.48 12.05
C ILE D 195 2.28 2.46 11.15
N GLU D 196 2.08 2.86 9.91
CA GLU D 196 3.12 2.96 8.89
C GLU D 196 4.24 3.86 9.30
N ASN D 197 3.95 4.80 10.20
CA ASN D 197 4.89 5.80 10.66
C ASN D 197 5.26 5.65 12.15
N SER D 198 4.67 4.67 12.82
CA SER D 198 4.94 4.45 14.24
C SER D 198 6.36 3.92 14.48
N THR D 199 7.01 4.42 15.52
CA THR D 199 8.36 4.00 15.87
C THR D 199 8.39 3.31 17.23
N PHE E 2 3.21 -10.49 17.68
CA PHE E 2 1.79 -10.17 17.67
C PHE E 2 1.06 -10.79 16.49
N ILE E 3 0.38 -11.91 16.73
CA ILE E 3 -0.35 -12.58 15.66
C ILE E 3 -1.84 -12.80 15.96
N ASP E 4 -2.68 -12.36 15.02
CA ASP E 4 -4.08 -12.77 14.98
C ASP E 4 -4.14 -14.28 14.81
N SEP E 5 -4.90 -14.94 15.67
CA SEP E 5 -5.12 -16.38 15.56
CB SEP E 5 -5.83 -16.89 16.81
OG SEP E 5 -7.10 -16.28 16.99
C SEP E 5 -5.95 -16.64 14.29
O SEP E 5 -5.74 -17.62 13.57
P SEP E 5 -7.48 -15.97 18.53
O1P SEP E 5 -7.67 -14.39 18.72
O2P SEP E 5 -8.88 -16.68 18.89
O3P SEP E 5 -6.32 -16.53 19.51
N ASP E 6 -6.88 -15.72 14.03
CA ASP E 6 -7.68 -15.71 12.82
C ASP E 6 -7.27 -14.60 11.87
N TPO E 7 -7.09 -14.96 10.61
CA TPO E 7 -6.75 -14.01 9.57
CB TPO E 7 -6.47 -14.75 8.25
CG2 TPO E 7 -6.33 -13.74 7.11
OG1 TPO E 7 -5.23 -15.45 8.42
P TPO E 7 -5.36 -17.03 8.10
O1P TPO E 7 -4.02 -17.50 7.72
O2P TPO E 7 -5.84 -17.81 9.43
O3P TPO E 7 -6.36 -17.33 6.87
C TPO E 7 -7.84 -12.94 9.41
O TPO E 7 -7.53 -11.75 9.40
N ASP E 8 -9.10 -13.35 9.34
CA ASP E 8 -10.24 -12.45 9.25
C ASP E 8 -10.14 -11.32 8.21
N VAL E 9 -9.80 -11.69 6.98
CA VAL E 9 -9.71 -10.76 5.86
C VAL E 9 -10.61 -11.20 4.70
N GLU E 10 -11.49 -10.29 4.26
CA GLU E 10 -12.44 -10.58 3.19
C GLU E 10 -12.37 -9.66 1.96
N GLU E 11 -12.40 -10.28 0.76
CA GLU E 11 -12.43 -9.63 -0.56
C GLU E 11 -11.04 -9.25 -1.06
N ASP F 4 2.02 13.31 -15.60
CA ASP F 4 2.63 14.13 -14.55
C ASP F 4 4.08 14.49 -14.89
N SEP F 5 4.25 15.68 -15.47
CA SEP F 5 5.56 16.16 -15.89
CB SEP F 5 5.42 17.54 -16.53
OG SEP F 5 4.86 18.44 -15.60
C SEP F 5 6.55 16.21 -14.73
O SEP F 5 7.76 16.02 -14.90
P SEP F 5 3.97 19.53 -16.36
O1P SEP F 5 3.25 18.82 -17.62
O2P SEP F 5 2.88 20.13 -15.34
O3P SEP F 5 5.01 20.64 -16.92
N ASP F 6 6.02 16.47 -13.54
CA ASP F 6 6.80 16.41 -12.32
C ASP F 6 6.35 15.30 -11.37
N TPO F 7 7.35 14.62 -10.82
CA TPO F 7 7.17 13.58 -9.82
CB TPO F 7 8.52 12.88 -9.55
CG2 TPO F 7 8.46 12.07 -8.26
OG1 TPO F 7 8.85 12.00 -10.66
P TPO F 7 10.32 12.27 -11.30
O1P TPO F 7 10.75 11.05 -12.02
O2P TPO F 7 10.21 13.50 -12.35
O3P TPO F 7 11.45 12.58 -10.19
C TPO F 7 6.53 14.14 -8.54
O TPO F 7 5.54 13.61 -8.04
N ASP F 8 7.10 15.24 -8.02
CA ASP F 8 6.55 15.97 -6.87
C ASP F 8 6.24 15.09 -5.63
N VAL F 9 7.17 14.17 -5.32
CA VAL F 9 7.02 13.24 -4.20
C VAL F 9 8.17 13.42 -3.19
N GLU F 10 7.83 13.51 -1.90
CA GLU F 10 8.81 13.86 -0.88
C GLU F 10 8.71 13.09 0.45
N GLU F 11 9.80 12.38 0.78
CA GLU F 11 9.97 11.57 2.02
C GLU F 11 9.39 10.16 1.90
#